data_1L9H
#
_entry.id   1L9H
#
_cell.length_a   96.745
_cell.length_b   96.745
_cell.length_c   149.300
_cell.angle_alpha   90.00
_cell.angle_beta   90.00
_cell.angle_gamma   90.00
#
_symmetry.space_group_name_H-M   'P 41'
#
loop_
_entity.id
_entity.type
_entity.pdbx_description
1 polymer rhodopsin
2 branched alpha-D-mannopyranose-(1-4)-2-acetamido-2-deoxy-beta-D-glucopyranose-(1-4)-2-acetamido-2-deoxy-beta-D-glucopyranose
3 branched 2-acetamido-2-deoxy-beta-D-glucopyranose-(1-4)-2-acetamido-2-deoxy-beta-D-glucopyranose
4 branched alpha-D-mannopyranose-(1-3)-alpha-D-mannopyranose-(1-4)-2-acetamido-2-deoxy-beta-D-glucopyranose-(1-4)-2-acetamido-2-deoxy-beta-D-glucopyranose
5 non-polymer 'nonyl beta-D-glucopyranoside'
6 non-polymer 'MERCURY (II) ION'
7 non-polymer 'ZINC ION'
8 non-polymer HEPTANE-1,2,3-TRIOL
9 non-polymer 'PALMITIC ACID'
10 non-polymer RETINAL
11 water water
#
_entity_poly.entity_id   1
_entity_poly.type   'polypeptide(L)'
_entity_poly.pdbx_seq_one_letter_code
;(ACE)MNGTEGPNFYVPFSNKTGVVRSPFEAPQYYLAEPWQFSMLAAYMFLLIMLGFPINFLTLYVTVQHKKLRTPLNYI
LLNLAVADLFMVFGGFTTTLYTSLHGYFVFGPTGCNLEGFFATLGGEIALWSLVVLAIERYVVVCKPMSNFRFGENHAIM
GVAFTWVMALACAAPPLVGWSRYIPEGMQCSCGIDYYTPHEETNNESFVIYMFVVHFIIPLIVIFFCYGQLVFTVKEAAA
QQQESATTQKAEKEVTRMVIIMVIAFLICWLPYAGVAFYIFTHQGSDFGPIFMTIPAFFAKTSAVYNPVIYIMMNKQFRN
CMVTTLCCGKNPLGDDEASTTVSKTETSQVAPA
;
_entity_poly.pdbx_strand_id   A,B
#
loop_
_chem_comp.id
_chem_comp.type
_chem_comp.name
_chem_comp.formula
ACE non-polymer 'ACETYL GROUP' 'C2 H4 O'
BNG D-saccharide 'nonyl beta-D-glucopyranoside' 'C15 H30 O6'
HG non-polymer 'MERCURY (II) ION' 'Hg 2'
HTO non-polymer HEPTANE-1,2,3-TRIOL 'C7 H16 O3'
MAN D-saccharide, alpha linking alpha-D-mannopyranose 'C6 H12 O6'
NAG D-saccharide, beta linking 2-acetamido-2-deoxy-beta-D-glucopyranose 'C8 H15 N O6'
PLM non-polymer 'PALMITIC ACID' 'C16 H32 O2'
RET non-polymer RETINAL 'C20 H28 O'
ZN non-polymer 'ZINC ION' 'Zn 2'
#
# COMPACT_ATOMS: atom_id res chain seq x y z
C ACE A 1 17.68 -32.31 20.07
O ACE A 1 18.46 -31.39 20.06
CH3 ACE A 1 17.54 -33.17 21.31
N MET A 2 16.89 -32.64 19.05
CA MET A 2 16.85 -31.93 17.78
C MET A 2 15.99 -30.69 18.00
N ASN A 3 16.31 -29.56 17.34
CA ASN A 3 15.55 -28.31 17.56
C ASN A 3 14.54 -28.06 16.50
N GLY A 4 14.44 -28.99 15.59
CA GLY A 4 13.46 -28.85 14.54
C GLY A 4 12.90 -30.23 14.41
N THR A 5 11.80 -30.33 13.69
CA THR A 5 11.20 -31.61 13.46
C THR A 5 11.27 -31.89 11.99
N GLU A 6 12.16 -32.78 11.58
CA GLU A 6 12.22 -33.09 10.20
C GLU A 6 11.12 -34.07 9.87
N GLY A 7 10.57 -33.92 8.67
CA GLY A 7 9.51 -34.78 8.18
C GLY A 7 10.02 -35.20 6.83
N PRO A 8 9.32 -36.09 6.13
CA PRO A 8 9.87 -36.47 4.82
C PRO A 8 9.48 -35.47 3.76
N ASN A 9 8.65 -34.53 4.18
CA ASN A 9 8.06 -33.50 3.32
C ASN A 9 8.32 -32.10 3.83
N PHE A 10 8.67 -32.00 5.11
CA PHE A 10 8.85 -30.71 5.80
C PHE A 10 9.96 -30.69 6.83
N TYR A 11 9.94 -29.62 7.61
CA TYR A 11 10.89 -29.37 8.68
C TYR A 11 10.35 -28.24 9.52
N VAL A 12 9.55 -28.56 10.53
CA VAL A 12 9.04 -27.49 11.37
C VAL A 12 10.14 -27.01 12.28
N PRO A 13 10.35 -25.69 12.36
CA PRO A 13 11.39 -25.12 13.22
C PRO A 13 10.96 -25.07 14.68
N PHE A 14 10.40 -26.19 15.15
CA PHE A 14 9.86 -26.35 16.51
C PHE A 14 10.30 -27.70 17.06
N SER A 15 10.79 -27.74 18.30
CA SER A 15 11.22 -29.01 18.86
C SER A 15 10.01 -29.86 19.16
N ASN A 16 10.20 -31.17 19.12
CA ASN A 16 9.08 -32.04 19.39
C ASN A 16 9.30 -32.94 20.59
N LYS A 17 9.96 -32.38 21.60
CA LYS A 17 10.21 -33.10 22.83
C LYS A 17 8.96 -32.94 23.65
N THR A 18 7.88 -32.57 22.99
CA THR A 18 6.59 -32.38 23.64
C THR A 18 5.50 -32.95 22.76
N GLY A 19 5.88 -33.72 21.73
CA GLY A 19 4.90 -34.32 20.84
C GLY A 19 3.76 -33.41 20.42
N VAL A 20 3.98 -32.10 20.43
CA VAL A 20 2.96 -31.14 20.05
C VAL A 20 3.06 -30.82 18.56
N VAL A 21 4.25 -31.03 18.01
CA VAL A 21 4.50 -30.75 16.60
C VAL A 21 3.69 -31.69 15.73
N ARG A 22 3.27 -31.19 14.56
CA ARG A 22 2.47 -31.98 13.60
C ARG A 22 2.60 -31.40 12.18
N SER A 23 2.56 -32.28 11.19
CA SER A 23 2.71 -31.98 9.73
C SER A 23 1.96 -30.73 9.29
N PRO A 24 2.67 -29.75 8.74
CA PRO A 24 1.99 -28.53 8.30
C PRO A 24 1.05 -28.80 7.18
N PHE A 25 0.99 -30.05 6.74
CA PHE A 25 0.10 -30.45 5.65
C PHE A 25 -1.10 -31.22 6.22
N GLU A 26 -1.22 -31.33 7.54
CA GLU A 26 -2.32 -32.10 8.15
C GLU A 26 -3.02 -31.46 9.32
N ALA A 27 -2.43 -30.44 9.95
CA ALA A 27 -3.13 -29.82 11.11
C ALA A 27 -2.62 -28.41 11.40
N PRO A 28 -3.45 -27.54 12.03
CA PRO A 28 -3.06 -26.17 12.35
C PRO A 28 -1.73 -26.10 13.11
N GLN A 29 -0.90 -25.09 12.79
CA GLN A 29 0.43 -24.91 13.43
C GLN A 29 0.34 -23.91 14.58
N TYR A 30 -0.82 -23.86 15.21
CA TYR A 30 -1.12 -22.95 16.29
C TYR A 30 -0.26 -23.09 17.52
N TYR A 31 0.55 -24.15 17.61
CA TYR A 31 1.39 -24.28 18.77
C TYR A 31 2.73 -23.58 18.51
N LEU A 32 2.90 -23.05 17.29
CA LEU A 32 4.11 -22.31 16.81
C LEU A 32 4.00 -20.84 17.18
N ALA A 33 2.76 -20.39 17.34
CA ALA A 33 2.46 -19.03 17.68
C ALA A 33 1.02 -18.99 18.11
N GLU A 34 0.44 -17.81 18.27
CA GLU A 34 -0.96 -17.68 18.68
C GLU A 34 -1.85 -17.63 17.43
N PRO A 35 -3.09 -18.15 17.51
CA PRO A 35 -4.06 -18.17 16.40
C PRO A 35 -4.36 -16.83 15.71
N TRP A 36 -4.03 -15.73 16.40
CA TRP A 36 -4.29 -14.41 15.88
C TRP A 36 -3.19 -13.94 14.94
N GLN A 37 -1.96 -14.34 15.20
CA GLN A 37 -0.83 -13.98 14.35
C GLN A 37 -1.10 -14.55 12.99
N PHE A 38 -1.81 -15.68 12.96
CA PHE A 38 -2.19 -16.32 11.71
C PHE A 38 -3.27 -15.48 11.07
N SER A 39 -4.19 -14.97 11.89
CA SER A 39 -5.26 -14.12 11.38
C SER A 39 -4.67 -12.83 10.82
N MET A 40 -3.50 -12.48 11.32
CA MET A 40 -2.79 -11.31 10.87
C MET A 40 -2.28 -11.57 9.48
N LEU A 41 -1.63 -12.72 9.33
CA LEU A 41 -1.09 -13.11 8.06
C LEU A 41 -2.20 -13.21 7.08
N ALA A 42 -3.33 -13.76 7.51
CA ALA A 42 -4.49 -13.92 6.62
C ALA A 42 -5.05 -12.56 6.21
N ALA A 43 -5.13 -11.62 7.15
CA ALA A 43 -5.65 -10.29 6.85
C ALA A 43 -4.68 -9.62 5.92
N TYR A 44 -3.42 -9.70 6.29
CA TYR A 44 -2.34 -9.12 5.52
C TYR A 44 -2.33 -9.61 4.04
N MET A 45 -2.43 -10.91 3.84
CA MET A 45 -2.45 -11.48 2.49
C MET A 45 -3.70 -11.05 1.79
N PHE A 46 -4.81 -11.03 2.52
CA PHE A 46 -6.07 -10.61 1.94
C PHE A 46 -5.93 -9.22 1.35
N LEU A 47 -5.20 -8.34 2.04
CA LEU A 47 -5.01 -6.97 1.58
C LEU A 47 -4.06 -6.97 0.42
N LEU A 48 -3.04 -7.83 0.48
CA LEU A 48 -2.07 -7.92 -0.60
C LEU A 48 -2.77 -8.33 -1.90
N ILE A 49 -3.73 -9.24 -1.79
CA ILE A 49 -4.46 -9.71 -2.96
C ILE A 49 -5.37 -8.63 -3.48
N MET A 50 -6.02 -7.94 -2.55
CA MET A 50 -6.97 -6.87 -2.85
C MET A 50 -6.28 -5.66 -3.47
N LEU A 51 -4.97 -5.61 -3.35
CA LEU A 51 -4.22 -4.48 -3.83
C LEU A 51 -3.42 -4.81 -5.08
N GLY A 52 -2.64 -5.89 -5.01
CA GLY A 52 -1.80 -6.27 -6.13
C GLY A 52 -2.56 -6.66 -7.38
N PHE A 53 -3.79 -7.06 -7.14
CA PHE A 53 -4.63 -7.44 -8.24
C PHE A 53 -4.95 -6.21 -9.11
N PRO A 54 -5.76 -5.26 -8.60
CA PRO A 54 -6.06 -4.08 -9.43
C PRO A 54 -4.82 -3.36 -9.99
N ILE A 55 -3.87 -2.99 -9.12
CA ILE A 55 -2.65 -2.31 -9.55
C ILE A 55 -2.04 -3.00 -10.73
N ASN A 56 -1.89 -4.31 -10.63
CA ASN A 56 -1.26 -5.05 -11.70
C ASN A 56 -2.15 -5.28 -12.86
N PHE A 57 -3.44 -5.47 -12.61
CA PHE A 57 -4.32 -5.67 -13.72
C PHE A 57 -4.49 -4.38 -14.52
N LEU A 58 -4.70 -3.28 -13.81
CA LEU A 58 -4.87 -1.99 -14.43
C LEU A 58 -3.65 -1.74 -15.29
N THR A 59 -2.47 -1.90 -14.70
CA THR A 59 -1.22 -1.73 -15.44
C THR A 59 -1.28 -2.49 -16.77
N LEU A 60 -1.55 -3.79 -16.68
CA LEU A 60 -1.65 -4.62 -17.87
C LEU A 60 -2.61 -3.99 -18.85
N TYR A 61 -3.83 -3.75 -18.39
CA TYR A 61 -4.86 -3.18 -19.23
C TYR A 61 -4.40 -1.90 -19.90
N VAL A 62 -4.00 -0.90 -19.14
CA VAL A 62 -3.57 0.34 -19.73
C VAL A 62 -2.50 0.11 -20.80
N THR A 63 -1.46 -0.67 -20.48
CA THR A 63 -0.36 -0.92 -21.45
C THR A 63 -0.88 -1.34 -22.80
N VAL A 64 -1.71 -2.38 -22.82
CA VAL A 64 -2.24 -2.92 -24.06
C VAL A 64 -3.22 -1.97 -24.75
N GLN A 65 -4.13 -1.34 -24.02
CA GLN A 65 -5.11 -0.43 -24.65
C GLN A 65 -4.47 0.75 -25.35
N HIS A 66 -3.41 1.31 -24.77
CA HIS A 66 -2.71 2.44 -25.39
C HIS A 66 -1.62 1.88 -26.31
N LYS A 67 -1.93 1.83 -27.60
CA LYS A 67 -1.05 1.24 -28.62
C LYS A 67 0.32 1.88 -28.88
N LYS A 68 0.70 2.95 -28.17
CA LYS A 68 2.03 3.53 -28.42
C LYS A 68 2.99 3.28 -27.24
N LEU A 69 2.49 2.59 -26.22
CA LEU A 69 3.28 2.23 -25.04
C LEU A 69 4.05 0.94 -25.38
N ARG A 70 5.02 1.02 -26.30
CA ARG A 70 5.78 -0.16 -26.74
C ARG A 70 7.29 -0.03 -26.60
N THR A 71 7.73 0.82 -25.69
CA THR A 71 9.17 0.94 -25.47
C THR A 71 9.61 -0.35 -24.75
N PRO A 72 10.92 -0.68 -24.75
CA PRO A 72 11.29 -1.90 -24.03
C PRO A 72 10.83 -1.82 -22.57
N LEU A 73 10.92 -0.64 -21.97
CA LEU A 73 10.49 -0.44 -20.58
C LEU A 73 9.02 -0.72 -20.39
N ASN A 74 8.18 -0.22 -21.28
CA ASN A 74 6.73 -0.44 -21.18
C ASN A 74 6.49 -1.91 -21.34
N TYR A 75 7.39 -2.55 -22.07
CA TYR A 75 7.29 -3.97 -22.32
C TYR A 75 7.51 -4.73 -21.07
N ILE A 76 8.65 -4.46 -20.44
CA ILE A 76 9.06 -5.10 -19.21
C ILE A 76 8.00 -4.99 -18.15
N LEU A 77 7.36 -3.84 -18.05
CA LEU A 77 6.36 -3.67 -17.02
C LEU A 77 5.06 -4.36 -17.33
N LEU A 78 4.79 -4.66 -18.59
CA LEU A 78 3.58 -5.40 -18.89
C LEU A 78 3.83 -6.78 -18.33
N ASN A 79 5.06 -7.25 -18.57
CA ASN A 79 5.56 -8.54 -18.12
C ASN A 79 5.42 -8.65 -16.60
N LEU A 80 5.99 -7.70 -15.86
CA LEU A 80 5.88 -7.71 -14.40
C LEU A 80 4.42 -7.71 -13.98
N ALA A 81 3.60 -6.84 -14.57
CA ALA A 81 2.18 -6.75 -14.23
C ALA A 81 1.54 -8.14 -14.36
N VAL A 82 1.97 -8.89 -15.37
CA VAL A 82 1.41 -10.23 -15.57
C VAL A 82 1.92 -11.22 -14.50
N ALA A 83 3.24 -11.30 -14.35
CA ALA A 83 3.87 -12.19 -13.39
C ALA A 83 3.21 -11.96 -12.07
N ASP A 84 3.01 -10.68 -11.77
CA ASP A 84 2.39 -10.26 -10.51
C ASP A 84 1.00 -10.84 -10.37
N LEU A 85 0.20 -10.78 -11.42
CA LEU A 85 -1.16 -11.36 -11.37
C LEU A 85 -1.08 -12.88 -11.13
N PHE A 86 0.03 -13.50 -11.55
CA PHE A 86 0.20 -14.94 -11.33
C PHE A 86 0.42 -15.17 -9.88
N MET A 87 1.30 -14.38 -9.28
CA MET A 87 1.54 -14.52 -7.86
C MET A 87 0.21 -14.39 -7.13
N VAL A 88 -0.48 -13.29 -7.38
CA VAL A 88 -1.75 -13.00 -6.74
C VAL A 88 -2.66 -14.21 -6.73
N PHE A 89 -2.88 -14.81 -7.90
CA PHE A 89 -3.78 -15.96 -7.97
C PHE A 89 -3.04 -17.25 -7.81
N GLY A 90 -1.91 -17.37 -8.50
CA GLY A 90 -1.15 -18.58 -8.42
C GLY A 90 -0.77 -18.95 -7.00
N GLY A 91 -0.15 -18.02 -6.29
CA GLY A 91 0.27 -18.34 -4.94
C GLY A 91 -0.49 -17.73 -3.80
N PHE A 92 -0.71 -16.42 -3.84
CA PHE A 92 -1.37 -15.69 -2.74
C PHE A 92 -2.71 -16.26 -2.40
N THR A 93 -3.34 -16.89 -3.37
CA THR A 93 -4.59 -17.53 -3.16
C THR A 93 -4.38 -18.61 -2.11
N THR A 94 -3.44 -19.50 -2.38
CA THR A 94 -3.12 -20.61 -1.48
C THR A 94 -2.50 -20.12 -0.16
N THR A 95 -1.66 -19.08 -0.21
CA THR A 95 -1.04 -18.59 1.03
C THR A 95 -2.05 -17.89 1.93
N LEU A 96 -3.17 -17.44 1.37
CA LEU A 96 -4.21 -16.80 2.19
C LEU A 96 -5.07 -17.88 2.84
N TYR A 97 -5.51 -18.84 2.03
CA TYR A 97 -6.35 -19.90 2.53
C TYR A 97 -5.61 -20.67 3.61
N THR A 98 -4.29 -20.80 3.43
CA THR A 98 -3.43 -21.49 4.38
C THR A 98 -3.42 -20.72 5.69
N SER A 99 -2.86 -19.52 5.68
CA SER A 99 -2.79 -18.68 6.87
C SER A 99 -4.12 -18.75 7.62
N LEU A 100 -5.23 -18.84 6.88
CA LEU A 100 -6.57 -18.92 7.49
C LEU A 100 -6.82 -20.23 8.17
N HIS A 101 -6.87 -21.32 7.40
CA HIS A 101 -7.15 -22.63 7.99
C HIS A 101 -5.95 -23.18 8.84
N GLY A 102 -4.90 -22.37 9.05
CA GLY A 102 -3.74 -22.74 9.88
C GLY A 102 -2.54 -23.60 9.41
N TYR A 103 -2.65 -24.22 8.24
CA TYR A 103 -1.61 -25.10 7.69
C TYR A 103 -1.84 -25.25 6.19
N PHE A 104 -0.93 -25.92 5.50
CA PHE A 104 -1.08 -26.15 4.06
C PHE A 104 -2.10 -27.26 3.83
N VAL A 105 -3.34 -26.92 4.14
CA VAL A 105 -4.49 -27.81 4.02
C VAL A 105 -4.57 -28.45 2.62
N PHE A 106 -3.87 -27.92 1.63
CA PHE A 106 -3.92 -28.55 0.30
C PHE A 106 -2.70 -29.40 0.09
N GLY A 107 -2.04 -29.73 1.19
CA GLY A 107 -0.86 -30.54 1.05
C GLY A 107 0.23 -29.86 0.24
N PRO A 108 1.22 -30.63 -0.21
CA PRO A 108 2.36 -30.16 -0.99
C PRO A 108 2.00 -29.41 -2.24
N THR A 109 0.84 -29.71 -2.81
CA THR A 109 0.44 -29.00 -4.01
C THR A 109 0.23 -27.55 -3.66
N GLY A 110 -0.64 -27.30 -2.67
CA GLY A 110 -0.87 -25.93 -2.24
C GLY A 110 0.46 -25.29 -1.88
N CYS A 111 1.38 -26.11 -1.42
CA CYS A 111 2.69 -25.68 -1.05
C CYS A 111 3.53 -25.34 -2.29
N ASN A 112 3.42 -26.15 -3.35
CA ASN A 112 4.19 -25.87 -4.56
C ASN A 112 3.58 -24.72 -5.30
N LEU A 113 2.27 -24.53 -5.15
CA LEU A 113 1.59 -23.39 -5.79
C LEU A 113 2.10 -22.16 -5.16
N GLU A 114 1.98 -22.15 -3.83
CA GLU A 114 2.40 -21.08 -2.96
C GLU A 114 3.87 -20.78 -3.19
N GLY A 115 4.71 -21.79 -3.04
CA GLY A 115 6.13 -21.59 -3.24
C GLY A 115 6.56 -21.30 -4.66
N PHE A 116 5.99 -22.02 -5.65
CA PHE A 116 6.36 -21.85 -7.07
C PHE A 116 6.03 -20.51 -7.62
N PHE A 117 4.82 -20.05 -7.42
CA PHE A 117 4.44 -18.77 -7.99
C PHE A 117 5.12 -17.60 -7.37
N ALA A 118 5.69 -17.75 -6.18
CA ALA A 118 6.39 -16.62 -5.56
C ALA A 118 7.78 -16.54 -6.17
N THR A 119 8.42 -17.71 -6.35
CA THR A 119 9.78 -17.76 -6.94
C THR A 119 9.71 -17.25 -8.37
N LEU A 120 8.74 -17.78 -9.12
CA LEU A 120 8.52 -17.40 -10.50
C LEU A 120 8.38 -15.90 -10.56
N GLY A 121 7.57 -15.36 -9.67
CA GLY A 121 7.36 -13.92 -9.65
C GLY A 121 8.55 -13.07 -9.26
N GLY A 122 9.36 -13.56 -8.33
CA GLY A 122 10.52 -12.79 -7.91
C GLY A 122 11.69 -12.87 -8.86
N GLU A 123 11.88 -14.03 -9.47
CA GLU A 123 12.97 -14.23 -10.40
C GLU A 123 12.66 -13.51 -11.70
N ILE A 124 11.39 -13.47 -12.08
CA ILE A 124 11.02 -12.77 -13.29
C ILE A 124 11.37 -11.30 -13.11
N ALA A 125 11.19 -10.81 -11.89
CA ALA A 125 11.49 -9.43 -11.55
C ALA A 125 12.99 -9.21 -11.59
N LEU A 126 13.75 -10.16 -11.05
CA LEU A 126 15.20 -10.05 -11.05
C LEU A 126 15.72 -10.08 -12.48
N TRP A 127 15.28 -11.07 -13.26
CA TRP A 127 15.77 -11.20 -14.62
C TRP A 127 15.28 -10.06 -15.48
N SER A 128 14.16 -9.47 -15.09
CA SER A 128 13.68 -8.36 -15.85
C SER A 128 14.62 -7.21 -15.60
N LEU A 129 15.05 -7.08 -14.35
CA LEU A 129 15.98 -5.99 -13.95
C LEU A 129 17.29 -6.09 -14.70
N VAL A 130 17.65 -7.28 -15.13
CA VAL A 130 18.88 -7.43 -15.90
C VAL A 130 18.57 -6.94 -17.32
N VAL A 131 17.37 -7.21 -17.82
CA VAL A 131 17.01 -6.75 -19.18
C VAL A 131 17.06 -5.24 -19.20
N LEU A 132 16.39 -4.58 -18.25
CA LEU A 132 16.37 -3.11 -18.15
C LEU A 132 17.79 -2.58 -17.96
N ALA A 133 18.58 -3.30 -17.16
CA ALA A 133 19.98 -2.91 -16.89
C ALA A 133 20.74 -2.80 -18.21
N ILE A 134 20.30 -3.54 -19.22
CA ILE A 134 20.95 -3.51 -20.51
C ILE A 134 20.29 -2.48 -21.39
N GLU A 135 18.98 -2.63 -21.60
CA GLU A 135 18.21 -1.69 -22.45
C GLU A 135 18.56 -0.30 -22.06
N ARG A 136 18.98 -0.16 -20.81
CA ARG A 136 19.36 1.11 -20.25
C ARG A 136 20.80 1.45 -20.63
N TYR A 137 21.62 0.41 -20.79
CA TYR A 137 23.01 0.59 -21.14
C TYR A 137 23.16 1.02 -22.58
N VAL A 138 22.31 0.49 -23.45
CA VAL A 138 22.38 0.79 -24.87
C VAL A 138 21.73 2.12 -25.24
N VAL A 139 21.17 2.84 -24.27
CA VAL A 139 20.55 4.12 -24.62
C VAL A 139 21.36 5.29 -24.09
N VAL A 140 21.99 5.09 -22.93
CA VAL A 140 22.80 6.15 -22.30
C VAL A 140 24.25 6.04 -22.70
N CYS A 141 24.90 4.92 -22.39
CA CYS A 141 26.30 4.75 -22.81
C CYS A 141 26.27 4.16 -24.22
N LYS A 142 25.28 4.58 -25.02
CA LYS A 142 25.07 4.10 -26.41
C LYS A 142 26.34 3.54 -27.04
N PRO A 143 26.31 2.24 -27.41
CA PRO A 143 27.42 1.48 -28.04
C PRO A 143 27.57 1.67 -29.56
N MET A 144 26.70 1.05 -30.35
CA MET A 144 26.78 1.19 -31.81
C MET A 144 26.31 2.57 -32.20
N SER A 145 27.08 3.24 -33.07
CA SER A 145 26.75 4.58 -33.53
C SER A 145 25.30 4.60 -34.03
N ASN A 146 24.67 3.42 -34.08
CA ASN A 146 23.29 3.30 -34.57
C ASN A 146 22.56 2.12 -33.98
N PHE A 147 21.56 2.41 -33.13
CA PHE A 147 20.73 1.37 -32.54
C PHE A 147 19.70 1.86 -31.50
N ARG A 148 18.56 1.17 -31.53
CA ARG A 148 17.40 1.36 -30.65
C ARG A 148 16.66 0.02 -30.65
N PHE A 149 16.07 -0.34 -29.52
CA PHE A 149 15.35 -1.61 -29.40
C PHE A 149 13.97 -1.51 -29.98
N GLY A 150 13.69 -2.31 -31.02
CA GLY A 150 12.37 -2.30 -31.59
C GLY A 150 11.59 -3.21 -30.67
N GLU A 151 10.28 -3.31 -30.85
CA GLU A 151 9.51 -4.22 -30.01
C GLU A 151 10.10 -5.59 -30.27
N ASN A 152 10.75 -5.66 -31.43
CA ASN A 152 11.44 -6.84 -31.93
C ASN A 152 12.28 -7.41 -30.79
N HIS A 153 13.24 -6.61 -30.35
CA HIS A 153 14.19 -6.96 -29.30
C HIS A 153 13.58 -6.87 -27.89
N ALA A 154 12.45 -6.19 -27.75
CA ALA A 154 11.80 -6.04 -26.43
C ALA A 154 11.09 -7.33 -26.05
N ILE A 155 10.49 -7.99 -27.04
CA ILE A 155 9.80 -9.25 -26.82
C ILE A 155 10.82 -10.33 -26.60
N MET A 156 12.08 -9.97 -26.79
CA MET A 156 13.16 -10.89 -26.61
C MET A 156 13.47 -10.99 -25.14
N GLY A 157 13.74 -9.85 -24.52
CA GLY A 157 14.10 -9.81 -23.11
C GLY A 157 13.01 -10.26 -22.16
N VAL A 158 11.76 -10.18 -22.59
CA VAL A 158 10.66 -10.60 -21.72
C VAL A 158 10.52 -12.08 -21.79
N ALA A 159 10.81 -12.65 -22.96
CA ALA A 159 10.74 -14.09 -23.17
C ALA A 159 11.88 -14.77 -22.42
N PHE A 160 12.94 -13.99 -22.23
CA PHE A 160 14.17 -14.39 -21.56
C PHE A 160 13.94 -14.51 -20.04
N THR A 161 13.39 -13.47 -19.43
CA THR A 161 13.15 -13.46 -18.00
C THR A 161 12.30 -14.66 -17.60
N TRP A 162 11.46 -15.12 -18.53
CA TRP A 162 10.56 -16.28 -18.30
C TRP A 162 11.26 -17.60 -18.42
N VAL A 163 12.43 -17.62 -19.05
CA VAL A 163 13.19 -18.84 -19.18
C VAL A 163 14.02 -19.00 -17.92
N MET A 164 14.75 -17.93 -17.61
CA MET A 164 15.61 -17.86 -16.44
C MET A 164 14.82 -18.13 -15.18
N ALA A 165 13.69 -17.42 -15.04
CA ALA A 165 12.82 -17.54 -13.87
C ALA A 165 12.35 -18.97 -13.70
N LEU A 166 12.03 -19.62 -14.82
CA LEU A 166 11.57 -21.02 -14.82
C LEU A 166 12.73 -21.96 -14.49
N ALA A 167 13.92 -21.63 -14.99
CA ALA A 167 15.13 -22.44 -14.76
C ALA A 167 15.37 -22.55 -13.27
N CYS A 168 14.87 -21.56 -12.56
CA CYS A 168 15.04 -21.51 -11.15
C CYS A 168 13.83 -21.99 -10.40
N ALA A 169 12.64 -21.68 -10.87
CA ALA A 169 11.45 -22.08 -10.11
C ALA A 169 10.86 -23.39 -10.53
N ALA A 170 11.11 -23.79 -11.76
CA ALA A 170 10.53 -25.03 -12.23
C ALA A 170 11.24 -26.27 -11.68
N PRO A 171 12.58 -26.26 -11.60
CA PRO A 171 13.26 -27.44 -11.08
C PRO A 171 12.68 -28.09 -9.83
N PRO A 172 12.42 -27.33 -8.75
CA PRO A 172 11.87 -27.90 -7.51
C PRO A 172 10.53 -28.66 -7.62
N LEU A 173 9.86 -28.51 -8.75
CA LEU A 173 8.57 -29.17 -9.01
C LEU A 173 8.80 -30.51 -9.67
N VAL A 174 10.04 -30.76 -10.11
CA VAL A 174 10.36 -32.00 -10.83
C VAL A 174 11.47 -32.89 -10.21
N GLY A 175 11.98 -32.60 -9.00
CA GLY A 175 13.00 -33.46 -8.41
C GLY A 175 14.37 -32.91 -8.05
N TRP A 176 14.55 -31.60 -8.24
CA TRP A 176 15.77 -30.94 -7.89
C TRP A 176 15.35 -29.90 -6.90
N SER A 177 15.64 -30.16 -5.63
CA SER A 177 15.22 -29.32 -4.51
C SER A 177 13.70 -29.43 -4.41
N ARG A 178 13.08 -28.62 -3.57
CA ARG A 178 11.63 -28.75 -3.45
C ARG A 178 11.07 -27.61 -2.65
N TYR A 179 9.75 -27.46 -2.71
CA TYR A 179 9.04 -26.43 -1.98
C TYR A 179 8.56 -27.04 -0.70
N ILE A 180 8.98 -26.42 0.38
CA ILE A 180 8.68 -26.88 1.71
C ILE A 180 8.19 -25.67 2.47
N PRO A 181 7.24 -25.84 3.38
CA PRO A 181 6.71 -24.70 4.14
C PRO A 181 7.71 -23.97 5.07
N GLU A 182 7.48 -22.67 5.30
CA GLU A 182 8.41 -21.89 6.12
C GLU A 182 7.74 -20.99 7.16
N GLY A 183 8.48 -20.73 8.23
CA GLY A 183 8.00 -19.86 9.28
C GLY A 183 6.86 -20.44 10.08
N MET A 184 5.69 -19.84 9.98
CA MET A 184 4.53 -20.34 10.68
C MET A 184 3.92 -21.43 9.84
N GLN A 185 4.62 -21.73 8.74
CA GLN A 185 4.30 -22.77 7.75
C GLN A 185 3.12 -22.42 6.84
N CYS A 186 2.97 -21.13 6.52
CA CYS A 186 1.88 -20.66 5.69
C CYS A 186 2.33 -20.24 4.32
N SER A 187 3.63 -20.23 4.12
CA SER A 187 4.22 -19.92 2.84
C SER A 187 5.14 -21.06 2.55
N CYS A 188 5.53 -21.25 1.30
CA CYS A 188 6.42 -22.34 0.96
C CYS A 188 7.59 -21.82 0.17
N GLY A 189 8.78 -22.31 0.51
CA GLY A 189 9.99 -21.89 -0.18
C GLY A 189 10.86 -23.05 -0.60
N ILE A 190 12.09 -22.77 -1.01
CA ILE A 190 13.03 -23.81 -1.45
C ILE A 190 13.53 -24.56 -0.24
N ASP A 191 14.10 -25.74 -0.40
CA ASP A 191 14.56 -26.48 0.78
C ASP A 191 16.01 -26.15 1.18
N TYR A 192 16.16 -25.42 2.29
CA TYR A 192 17.47 -25.00 2.85
C TYR A 192 17.69 -25.73 4.16
N TYR A 193 16.57 -26.14 4.72
CA TYR A 193 16.48 -26.79 6.00
C TYR A 193 17.14 -28.13 6.11
N THR A 194 16.85 -29.03 5.17
CA THR A 194 17.40 -30.40 5.18
C THR A 194 18.31 -30.69 3.97
N PRO A 195 19.26 -31.62 4.13
CA PRO A 195 20.18 -31.97 3.03
C PRO A 195 19.50 -32.84 2.00
N HIS A 196 18.53 -33.63 2.46
CA HIS A 196 17.75 -34.56 1.61
C HIS A 196 18.53 -34.84 0.34
N GLU A 197 19.42 -35.83 0.43
CA GLU A 197 20.23 -36.23 -0.72
C GLU A 197 19.32 -36.73 -1.83
N GLU A 198 18.13 -37.25 -1.44
CA GLU A 198 17.08 -37.86 -2.32
C GLU A 198 16.56 -36.95 -3.48
N THR A 199 16.83 -35.64 -3.41
CA THR A 199 16.39 -34.65 -4.42
C THR A 199 17.50 -33.60 -4.72
N ASN A 200 18.59 -33.63 -3.94
CA ASN A 200 19.76 -32.75 -4.13
C ASN A 200 19.48 -31.35 -3.81
N ASN A 201 18.89 -31.08 -2.66
CA ASN A 201 18.60 -29.69 -2.35
C ASN A 201 19.90 -28.93 -2.18
N GLU A 202 20.92 -29.58 -1.63
CA GLU A 202 22.20 -28.90 -1.41
C GLU A 202 22.74 -28.27 -2.72
N SER A 203 22.63 -28.99 -3.84
CA SER A 203 23.14 -28.52 -5.15
C SER A 203 22.35 -27.36 -5.69
N PHE A 204 21.03 -27.53 -5.76
CA PHE A 204 20.14 -26.51 -6.28
C PHE A 204 20.34 -25.17 -5.58
N VAL A 205 20.30 -25.17 -4.25
CA VAL A 205 20.44 -23.94 -3.42
C VAL A 205 21.63 -23.12 -3.79
N ILE A 206 22.68 -23.74 -4.29
CA ILE A 206 23.83 -22.94 -4.70
C ILE A 206 23.58 -22.53 -6.13
N TYR A 207 23.03 -23.47 -6.92
CA TYR A 207 22.70 -23.21 -8.30
C TYR A 207 21.84 -21.95 -8.35
N MET A 208 20.97 -21.82 -7.37
CA MET A 208 20.06 -20.70 -7.31
C MET A 208 20.70 -19.43 -6.74
N PHE A 209 21.50 -19.55 -5.68
CA PHE A 209 22.14 -18.39 -5.06
C PHE A 209 23.18 -17.77 -5.93
N VAL A 210 23.68 -18.55 -6.89
CA VAL A 210 24.70 -18.07 -7.78
C VAL A 210 24.12 -17.67 -9.11
N VAL A 211 23.52 -18.64 -9.82
CA VAL A 211 22.91 -18.44 -11.15
C VAL A 211 21.68 -17.53 -11.08
N HIS A 212 20.98 -17.49 -9.96
CA HIS A 212 19.77 -16.67 -9.87
C HIS A 212 19.78 -15.69 -8.70
N PHE A 213 20.92 -15.06 -8.44
CA PHE A 213 20.99 -14.08 -7.37
C PHE A 213 22.29 -13.32 -7.41
N ILE A 214 23.41 -14.01 -7.26
CA ILE A 214 24.71 -13.36 -7.27
C ILE A 214 25.02 -12.80 -8.66
N ILE A 215 25.01 -13.65 -9.67
CA ILE A 215 25.32 -13.24 -11.03
C ILE A 215 24.44 -12.13 -11.58
N PRO A 216 23.11 -12.29 -11.59
CA PRO A 216 22.25 -11.20 -12.10
C PRO A 216 22.52 -9.93 -11.37
N LEU A 217 22.94 -10.04 -10.10
CA LEU A 217 23.22 -8.89 -9.24
C LEU A 217 24.56 -8.26 -9.59
N ILE A 218 25.54 -9.06 -9.98
CA ILE A 218 26.83 -8.50 -10.37
C ILE A 218 26.62 -7.79 -11.70
N VAL A 219 25.89 -8.44 -12.60
CA VAL A 219 25.58 -7.89 -13.91
C VAL A 219 24.93 -6.55 -13.74
N ILE A 220 23.83 -6.54 -12.99
CA ILE A 220 23.05 -5.32 -12.75
C ILE A 220 23.83 -4.25 -11.99
N PHE A 221 24.83 -4.64 -11.22
CA PHE A 221 25.63 -3.70 -10.42
C PHE A 221 26.77 -3.12 -11.20
N PHE A 222 27.49 -3.96 -11.92
CA PHE A 222 28.63 -3.50 -12.70
C PHE A 222 28.15 -2.64 -13.85
N CYS A 223 27.15 -3.13 -14.59
CA CYS A 223 26.60 -2.37 -15.71
C CYS A 223 26.34 -0.94 -15.26
N TYR A 224 25.91 -0.80 -14.02
CA TYR A 224 25.60 0.49 -13.44
C TYR A 224 26.86 1.33 -13.23
N GLY A 225 27.99 0.67 -13.00
CA GLY A 225 29.24 1.39 -12.80
C GLY A 225 29.71 2.13 -14.03
N GLN A 226 29.22 1.70 -15.20
CA GLN A 226 29.55 2.32 -16.48
C GLN A 226 28.62 3.53 -16.69
N LEU A 227 27.37 3.36 -16.29
CA LEU A 227 26.35 4.40 -16.37
C LEU A 227 26.47 5.28 -15.16
N VAL A 228 27.71 5.58 -14.79
CA VAL A 228 27.95 6.43 -13.63
C VAL A 228 28.60 7.74 -14.08
N PHE A 229 28.78 7.89 -15.41
CA PHE A 229 29.35 9.13 -15.98
C PHE A 229 28.34 9.79 -16.88
N THR A 230 27.94 9.08 -17.93
CA THR A 230 26.97 9.57 -18.91
C THR A 230 25.76 10.20 -18.18
N VAL A 231 24.84 9.35 -17.70
CA VAL A 231 23.69 9.85 -16.95
C VAL A 231 24.08 9.78 -15.48
N LYS A 232 24.53 10.92 -14.93
CA LYS A 232 24.98 11.03 -13.53
C LYS A 232 24.02 10.37 -12.53
N GLU A 233 23.23 11.14 -11.76
CA GLU A 233 22.33 10.48 -10.78
C GLU A 233 21.14 11.32 -10.28
N ALA A 234 21.09 12.63 -10.53
CA ALA A 234 19.95 13.43 -10.02
C ALA A 234 18.72 13.25 -10.92
N ALA A 235 17.89 14.29 -11.00
CA ALA A 235 16.67 14.30 -11.82
C ALA A 235 15.83 15.51 -11.43
N ALA A 236 14.84 15.85 -12.26
CA ALA A 236 13.96 17.00 -12.00
C ALA A 236 12.74 16.93 -12.89
N ALA A 242 19.46 15.38 -27.69
CA ALA A 242 18.66 16.61 -27.71
C ALA A 242 18.12 16.87 -26.31
N THR A 243 16.85 17.25 -26.24
CA THR A 243 16.14 17.48 -24.97
C THR A 243 15.48 16.15 -24.64
N THR A 244 15.66 15.22 -25.58
CA THR A 244 15.16 13.84 -25.54
C THR A 244 16.16 13.02 -24.70
N GLN A 245 16.99 13.73 -23.94
CA GLN A 245 18.03 13.12 -23.10
C GLN A 245 17.56 13.09 -21.65
N LYS A 246 16.62 13.97 -21.31
CA LYS A 246 16.05 14.06 -19.96
C LYS A 246 14.93 13.03 -19.83
N ALA A 247 14.76 12.26 -20.90
CA ALA A 247 13.76 11.22 -20.94
C ALA A 247 14.42 9.95 -20.50
N GLU A 248 15.46 9.56 -21.23
CA GLU A 248 16.21 8.37 -20.92
C GLU A 248 17.02 8.63 -19.67
N LYS A 249 17.15 9.90 -19.31
CA LYS A 249 17.90 10.32 -18.12
C LYS A 249 16.98 10.26 -16.94
N GLU A 250 15.71 9.93 -17.19
CA GLU A 250 14.71 9.86 -16.12
C GLU A 250 14.18 8.45 -16.00
N VAL A 251 14.09 7.72 -17.12
CA VAL A 251 13.63 6.34 -17.10
C VAL A 251 14.64 5.57 -16.31
N THR A 252 15.88 6.03 -16.40
CA THR A 252 17.00 5.41 -15.72
C THR A 252 16.90 5.60 -14.23
N ARG A 253 16.49 6.77 -13.77
CA ARG A 253 16.40 6.95 -12.34
C ARG A 253 15.29 6.08 -11.84
N MET A 254 14.46 5.58 -12.75
CA MET A 254 13.36 4.70 -12.34
C MET A 254 13.89 3.29 -12.26
N VAL A 255 14.59 2.86 -13.30
CA VAL A 255 15.17 1.52 -13.38
C VAL A 255 16.12 1.30 -12.26
N ILE A 256 16.49 2.39 -11.60
CA ILE A 256 17.41 2.32 -10.48
C ILE A 256 16.64 2.24 -9.16
N ILE A 257 15.51 2.92 -9.05
CA ILE A 257 14.74 2.82 -7.83
C ILE A 257 14.11 1.44 -7.76
N MET A 258 14.05 0.79 -8.93
CA MET A 258 13.48 -0.57 -9.05
C MET A 258 14.45 -1.58 -8.49
N VAL A 259 15.73 -1.23 -8.55
CA VAL A 259 16.73 -2.11 -8.03
C VAL A 259 16.86 -1.93 -6.54
N ILE A 260 16.64 -0.72 -6.03
CA ILE A 260 16.71 -0.51 -4.59
C ILE A 260 15.62 -1.32 -3.95
N ALA A 261 14.44 -1.24 -4.56
CA ALA A 261 13.25 -1.92 -4.07
C ALA A 261 13.41 -3.43 -4.12
N PHE A 262 13.96 -3.96 -5.20
CA PHE A 262 14.14 -5.40 -5.27
C PHE A 262 14.95 -5.88 -4.09
N LEU A 263 16.01 -5.16 -3.79
CA LEU A 263 16.89 -5.50 -2.70
C LEU A 263 16.17 -5.46 -1.40
N ILE A 264 15.63 -4.28 -1.06
CA ILE A 264 14.91 -4.10 0.19
C ILE A 264 13.98 -5.28 0.41
N CYS A 265 13.44 -5.81 -0.68
CA CYS A 265 12.48 -6.90 -0.61
C CYS A 265 13.07 -8.26 -0.44
N TRP A 266 14.15 -8.57 -1.17
CA TRP A 266 14.70 -9.92 -1.14
C TRP A 266 15.97 -10.08 -0.37
N LEU A 267 16.65 -9.00 -0.04
CA LEU A 267 17.87 -9.14 0.69
C LEU A 267 17.60 -9.73 2.04
N PRO A 268 16.61 -9.20 2.75
CA PRO A 268 16.29 -9.73 4.08
C PRO A 268 15.85 -11.18 4.06
N TYR A 269 15.17 -11.58 2.99
CA TYR A 269 14.73 -12.96 2.86
C TYR A 269 15.93 -13.80 2.49
N ALA A 270 16.54 -13.47 1.35
CA ALA A 270 17.71 -14.16 0.81
C ALA A 270 18.76 -14.32 1.89
N GLY A 271 18.90 -13.30 2.70
CA GLY A 271 19.86 -13.33 3.78
C GLY A 271 19.47 -14.41 4.78
N VAL A 272 18.25 -14.35 5.27
CA VAL A 272 17.79 -15.35 6.24
C VAL A 272 17.84 -16.71 5.62
N ALA A 273 17.51 -16.82 4.34
CA ALA A 273 17.54 -18.11 3.63
C ALA A 273 18.96 -18.65 3.56
N PHE A 274 19.93 -17.79 3.28
CA PHE A 274 21.30 -18.25 3.17
C PHE A 274 21.84 -18.64 4.54
N TYR A 275 21.37 -17.93 5.57
CA TYR A 275 21.78 -18.21 6.93
C TYR A 275 21.39 -19.67 7.26
N ILE A 276 20.12 -19.99 7.10
CA ILE A 276 19.55 -21.32 7.35
C ILE A 276 20.38 -22.39 6.68
N PHE A 277 20.62 -22.20 5.39
CA PHE A 277 21.36 -23.17 4.63
C PHE A 277 22.66 -23.46 5.29
N THR A 278 23.32 -22.41 5.76
CA THR A 278 24.60 -22.53 6.39
C THR A 278 24.49 -23.07 7.81
N HIS A 279 23.42 -22.73 8.53
CA HIS A 279 23.26 -23.22 9.89
C HIS A 279 22.08 -24.14 9.99
N GLN A 280 22.04 -25.19 9.17
CA GLN A 280 20.91 -26.17 9.17
C GLN A 280 20.84 -26.90 10.51
N GLY A 281 19.63 -27.15 11.01
CA GLY A 281 19.49 -27.87 12.27
C GLY A 281 19.81 -27.06 13.51
N SER A 282 20.04 -25.77 13.34
CA SER A 282 20.33 -24.90 14.46
C SER A 282 19.01 -24.51 15.08
N ASP A 283 19.05 -23.55 15.99
CA ASP A 283 17.87 -23.17 16.74
C ASP A 283 17.24 -21.82 16.35
N PHE A 284 16.31 -21.86 15.40
CA PHE A 284 15.58 -20.66 15.00
C PHE A 284 14.11 -20.94 15.20
N GLY A 285 13.29 -19.87 15.23
CA GLY A 285 11.86 -20.05 15.45
C GLY A 285 10.98 -19.87 14.23
N PRO A 286 9.67 -20.15 14.37
CA PRO A 286 8.79 -19.98 13.22
C PRO A 286 8.77 -18.55 12.72
N ILE A 287 8.83 -17.61 13.65
CA ILE A 287 8.79 -16.18 13.35
C ILE A 287 10.01 -15.73 12.59
N PHE A 288 11.11 -16.44 12.76
CA PHE A 288 12.37 -16.08 12.12
C PHE A 288 12.17 -15.70 10.67
N MET A 289 11.72 -16.65 9.86
CA MET A 289 11.53 -16.47 8.42
C MET A 289 10.14 -16.06 8.04
N THR A 290 9.19 -16.02 8.96
CA THR A 290 7.86 -15.63 8.54
C THR A 290 7.82 -14.18 8.09
N ILE A 291 8.62 -13.33 8.75
CA ILE A 291 8.65 -11.89 8.44
C ILE A 291 9.26 -11.55 7.07
N PRO A 292 10.52 -11.99 6.77
CA PRO A 292 11.11 -11.66 5.46
C PRO A 292 10.45 -12.38 4.33
N ALA A 293 9.80 -13.49 4.64
CA ALA A 293 9.11 -14.27 3.62
C ALA A 293 7.85 -13.56 3.23
N PHE A 294 7.04 -13.18 4.22
CA PHE A 294 5.77 -12.53 3.94
C PHE A 294 5.97 -11.11 3.50
N PHE A 295 7.02 -10.46 3.97
CA PHE A 295 7.25 -9.09 3.57
C PHE A 295 7.64 -9.05 2.10
N ALA A 296 8.31 -10.08 1.64
CA ALA A 296 8.75 -10.13 0.26
C ALA A 296 7.53 -10.28 -0.67
N LYS A 297 6.40 -10.75 -0.13
CA LYS A 297 5.20 -10.93 -0.97
C LYS A 297 4.66 -9.60 -1.43
N THR A 298 5.29 -8.50 -1.03
CA THR A 298 4.83 -7.19 -1.51
C THR A 298 5.46 -6.92 -2.88
N SER A 299 6.30 -7.86 -3.33
CA SER A 299 6.98 -7.78 -4.63
C SER A 299 6.01 -7.94 -5.77
N ALA A 300 4.77 -8.27 -5.43
CA ALA A 300 3.73 -8.48 -6.43
C ALA A 300 2.98 -7.20 -6.64
N VAL A 301 3.47 -6.11 -6.11
CA VAL A 301 2.71 -4.88 -6.27
C VAL A 301 3.51 -3.58 -6.26
N TYR A 302 4.73 -3.55 -5.73
CA TYR A 302 5.43 -2.27 -5.69
C TYR A 302 5.90 -1.81 -7.04
N ASN A 303 6.17 -2.72 -7.98
CA ASN A 303 6.66 -2.31 -9.34
C ASN A 303 5.75 -1.37 -10.04
N PRO A 304 4.45 -1.70 -10.11
CA PRO A 304 3.53 -0.79 -10.79
C PRO A 304 3.39 0.55 -10.07
N VAL A 305 3.61 0.55 -8.76
CA VAL A 305 3.52 1.77 -8.01
C VAL A 305 4.66 2.67 -8.40
N ILE A 306 5.87 2.14 -8.48
CA ILE A 306 7.02 2.94 -8.87
C ILE A 306 6.82 3.51 -10.27
N TYR A 307 6.24 2.70 -11.13
CA TYR A 307 5.99 3.02 -12.52
C TYR A 307 5.06 4.22 -12.63
N ILE A 308 3.89 4.10 -12.02
CA ILE A 308 2.90 5.13 -12.07
C ILE A 308 3.35 6.41 -11.41
N MET A 309 4.42 6.38 -10.63
CA MET A 309 4.85 7.60 -9.95
C MET A 309 6.10 8.18 -10.60
N MET A 310 6.84 7.35 -11.33
CA MET A 310 8.07 7.82 -11.92
C MET A 310 8.01 7.92 -13.41
N ASN A 311 6.90 7.51 -13.99
CA ASN A 311 6.76 7.61 -15.42
C ASN A 311 5.60 8.52 -15.72
N LYS A 312 5.91 9.80 -15.97
CA LYS A 312 4.86 10.77 -16.26
C LYS A 312 4.03 10.31 -17.43
N GLN A 313 4.67 9.76 -18.46
CA GLN A 313 3.94 9.29 -19.63
C GLN A 313 2.87 8.26 -19.27
N PHE A 314 3.26 7.16 -18.63
CA PHE A 314 2.30 6.10 -18.28
C PHE A 314 1.26 6.60 -17.33
N ARG A 315 1.66 7.38 -16.34
CA ARG A 315 0.71 7.89 -15.35
C ARG A 315 -0.49 8.53 -15.98
N ASN A 316 -0.27 9.36 -16.99
CA ASN A 316 -1.35 10.05 -17.68
C ASN A 316 -2.11 9.05 -18.56
N CYS A 317 -1.42 8.08 -19.12
CA CYS A 317 -2.08 7.09 -19.95
C CYS A 317 -3.00 6.28 -19.09
N MET A 318 -2.63 6.17 -17.82
CA MET A 318 -3.45 5.44 -16.85
C MET A 318 -4.66 6.29 -16.53
N VAL A 319 -4.44 7.59 -16.33
CA VAL A 319 -5.51 8.54 -16.01
C VAL A 319 -6.42 8.66 -17.19
N THR A 320 -5.83 8.64 -18.37
CA THR A 320 -6.58 8.77 -19.59
C THR A 320 -7.51 7.60 -19.76
N THR A 321 -7.10 6.41 -19.34
CA THR A 321 -7.97 5.25 -19.48
C THR A 321 -9.00 5.29 -18.39
N LEU A 322 -8.57 5.73 -17.20
CA LEU A 322 -9.46 5.83 -16.02
C LEU A 322 -10.51 6.91 -16.20
N CYS A 323 -10.20 7.97 -16.95
CA CYS A 323 -11.14 9.07 -17.18
C CYS A 323 -11.84 8.90 -18.49
N CYS A 324 -11.72 7.72 -19.10
CA CYS A 324 -12.37 7.40 -20.39
C CYS A 324 -11.94 8.39 -21.49
N GLY A 325 -11.91 9.68 -21.17
CA GLY A 325 -11.53 10.69 -22.15
C GLY A 325 -10.16 11.29 -21.97
N LYS A 326 -9.99 12.15 -20.96
CA LYS A 326 -8.69 12.80 -20.74
C LYS A 326 -8.73 13.80 -19.57
N ASN A 327 -7.83 14.79 -19.67
CA ASN A 327 -7.64 15.87 -18.71
C ASN A 327 -6.90 15.34 -17.49
N PRO A 328 -5.60 14.98 -17.66
CA PRO A 328 -4.64 14.45 -16.67
C PRO A 328 -3.78 15.41 -15.77
N LEU A 329 -4.41 16.49 -15.29
CA LEU A 329 -3.82 17.54 -14.38
C LEU A 329 -2.30 17.52 -14.21
N GLY A 330 -1.55 17.16 -15.25
CA GLY A 330 -0.10 17.11 -15.14
C GLY A 330 0.55 18.40 -14.70
N ASP A 331 1.85 18.32 -14.41
CA ASP A 331 2.64 19.49 -13.98
C ASP A 331 3.90 19.56 -14.80
N SER A 335 6.13 13.27 -21.95
CA SER A 335 5.55 14.40 -22.68
C SER A 335 4.83 13.94 -23.96
N THR A 336 5.35 12.92 -24.65
CA THR A 336 4.71 12.41 -25.89
C THR A 336 3.38 11.70 -25.53
N THR A 337 2.77 10.95 -26.44
CA THR A 337 1.45 10.37 -26.10
C THR A 337 1.26 8.91 -26.47
N VAL A 338 0.03 8.43 -26.28
CA VAL A 338 -0.39 7.06 -26.58
C VAL A 338 -1.78 6.77 -26.04
N SER A 339 -2.55 6.05 -26.84
CA SER A 339 -3.89 5.69 -26.48
C SER A 339 -4.49 4.91 -27.59
N LYS A 340 -5.78 5.13 -27.86
CA LYS A 340 -6.50 4.38 -28.93
C LYS A 340 -7.11 5.27 -30.06
N THR A 341 -8.42 5.57 -29.98
CA THR A 341 -9.12 6.36 -31.02
C THR A 341 -8.83 7.86 -30.93
N GLU A 342 -7.97 8.24 -29.98
CA GLU A 342 -7.58 9.63 -29.81
C GLU A 342 -6.22 9.85 -30.53
N THR A 343 -5.30 10.57 -29.88
CA THR A 343 -3.97 10.88 -30.49
C THR A 343 -2.90 9.81 -30.13
N SER A 344 -3.03 8.66 -30.81
CA SER A 344 -2.11 7.52 -30.69
C SER A 344 -1.37 7.41 -32.05
N GLN A 345 -1.44 8.52 -32.79
CA GLN A 345 -0.83 8.70 -34.10
C GLN A 345 0.63 8.78 -33.95
N VAL A 346 1.36 8.20 -34.90
CA VAL A 346 2.80 8.20 -34.82
C VAL A 346 3.37 9.55 -35.21
N ALA A 347 4.62 9.80 -34.80
CA ALA A 347 5.33 11.03 -35.11
C ALA A 347 6.82 10.73 -35.32
N PRO A 348 7.17 9.54 -35.89
CA PRO A 348 8.57 9.14 -36.12
C PRO A 348 9.35 10.02 -37.08
N ALA A 349 9.92 9.36 -38.08
CA ALA A 349 10.73 9.99 -39.13
C ALA A 349 10.76 9.06 -40.36
C ACE B 1 12.30 35.85 11.92
O ACE B 1 12.41 34.98 12.80
CH3 ACE B 1 13.44 36.81 11.65
N MET B 2 11.21 35.99 11.14
CA MET B 2 10.01 35.16 11.25
C MET B 2 10.35 33.73 10.84
N ASN B 3 10.02 32.72 11.66
CA ASN B 3 10.38 31.36 11.27
C ASN B 3 9.46 30.83 10.23
N GLY B 4 8.23 31.32 10.17
CA GLY B 4 7.37 30.81 9.13
C GLY B 4 7.34 31.83 8.01
N THR B 5 6.51 31.59 7.02
CA THR B 5 6.32 32.54 5.93
C THR B 5 4.81 32.63 5.71
N GLU B 6 4.18 33.70 6.16
CA GLU B 6 2.74 33.82 6.00
C GLU B 6 2.38 34.39 4.64
N GLY B 7 1.22 33.97 4.17
CA GLY B 7 0.68 34.43 2.92
C GLY B 7 -0.70 34.78 3.37
N PRO B 8 -1.55 35.30 2.48
CA PRO B 8 -2.91 35.65 2.90
C PRO B 8 -3.76 34.44 2.66
N ASN B 9 -3.08 33.40 2.20
CA ASN B 9 -3.64 32.13 1.81
C ASN B 9 -2.96 30.94 2.46
N PHE B 10 -1.79 31.15 3.08
CA PHE B 10 -1.05 30.03 3.64
C PHE B 10 -0.13 30.45 4.77
N TYR B 11 0.79 29.54 5.07
CA TYR B 11 1.80 29.69 6.08
C TYR B 11 2.79 28.55 5.87
N VAL B 12 3.85 28.84 5.13
CA VAL B 12 4.87 27.83 4.86
C VAL B 12 5.79 27.78 6.07
N PRO B 13 5.91 26.59 6.71
CA PRO B 13 6.76 26.39 7.88
C PRO B 13 8.23 26.42 7.54
N PHE B 14 8.59 27.30 6.61
CA PHE B 14 9.96 27.45 6.19
C PHE B 14 10.27 28.91 6.17
N SER B 15 11.39 29.29 6.76
CA SER B 15 11.77 30.70 6.81
C SER B 15 12.13 31.19 5.45
N ASN B 16 11.84 32.46 5.20
CA ASN B 16 12.21 32.97 3.94
C ASN B 16 13.22 34.08 4.04
N LYS B 17 14.38 33.72 4.56
CA LYS B 17 15.49 34.62 4.71
C LYS B 17 16.31 34.43 3.46
N THR B 18 15.88 33.52 2.60
CA THR B 18 16.62 33.20 1.39
C THR B 18 15.81 33.43 0.11
N GLY B 19 14.61 34.00 0.23
CA GLY B 19 13.78 34.27 -0.94
C GLY B 19 13.42 33.02 -1.72
N VAL B 20 13.63 31.88 -1.09
CA VAL B 20 13.35 30.61 -1.72
C VAL B 20 11.90 30.15 -1.50
N VAL B 21 11.28 30.55 -0.40
CA VAL B 21 9.90 30.14 -0.13
C VAL B 21 9.01 30.76 -1.16
N ARG B 22 8.01 30.02 -1.59
CA ARG B 22 7.07 30.49 -2.59
C ARG B 22 5.76 29.73 -2.43
N SER B 23 4.62 30.40 -2.68
CA SER B 23 3.23 29.87 -2.51
C SER B 23 3.04 28.37 -2.78
N PRO B 24 2.33 27.63 -1.88
CA PRO B 24 2.11 26.20 -2.11
C PRO B 24 0.96 26.04 -3.11
N PHE B 25 0.48 27.19 -3.60
CA PHE B 25 -0.58 27.25 -4.57
C PHE B 25 -0.02 27.64 -5.94
N GLU B 26 1.28 27.91 -6.02
CA GLU B 26 1.90 28.37 -7.29
C GLU B 26 3.15 27.65 -7.72
N ALA B 27 3.82 26.90 -6.83
CA ALA B 27 5.06 26.22 -7.24
C ALA B 27 5.53 25.20 -6.24
N PRO B 28 6.30 24.20 -6.72
CA PRO B 28 6.88 23.11 -5.93
C PRO B 28 7.62 23.53 -4.68
N GLN B 29 7.31 22.85 -3.58
CA GLN B 29 7.91 23.11 -2.29
C GLN B 29 9.10 22.25 -2.11
N TYR B 30 9.70 21.86 -3.23
CA TYR B 30 10.87 20.99 -3.26
C TYR B 30 12.03 21.53 -2.45
N TYR B 31 11.90 22.74 -1.92
CA TYR B 31 12.97 23.31 -1.11
C TYR B 31 12.67 23.07 0.37
N LEU B 32 11.55 22.40 0.64
CA LEU B 32 11.11 22.04 2.01
C LEU B 32 11.64 20.66 2.35
N ALA B 33 11.72 19.83 1.31
CA ALA B 33 12.22 18.45 1.38
C ALA B 33 12.74 18.05 -0.01
N GLU B 34 13.25 16.83 -0.14
CA GLU B 34 13.78 16.35 -1.43
C GLU B 34 12.63 15.88 -2.30
N PRO B 35 12.76 16.04 -3.65
CA PRO B 35 11.71 15.62 -4.59
C PRO B 35 11.27 14.16 -4.53
N TRP B 36 12.03 13.35 -3.77
CA TRP B 36 11.76 11.93 -3.61
C TRP B 36 10.84 11.69 -2.46
N GLN B 37 10.81 12.62 -1.52
CA GLN B 37 9.94 12.49 -0.38
C GLN B 37 8.52 12.78 -0.80
N PHE B 38 8.36 13.50 -1.92
CA PHE B 38 7.04 13.83 -2.45
C PHE B 38 6.52 12.67 -3.26
N SER B 39 7.43 12.00 -3.97
CA SER B 39 7.03 10.84 -4.74
C SER B 39 6.68 9.75 -3.79
N MET B 40 7.28 9.81 -2.61
CA MET B 40 7.03 8.84 -1.55
C MET B 40 5.60 9.00 -1.02
N LEU B 41 5.12 10.24 -0.87
CA LEU B 41 3.76 10.55 -0.38
C LEU B 41 2.76 10.22 -1.45
N ALA B 42 3.14 10.47 -2.70
CA ALA B 42 2.30 10.20 -3.87
C ALA B 42 2.07 8.68 -4.01
N ALA B 43 3.12 7.87 -3.79
CA ALA B 43 3.01 6.41 -3.85
C ALA B 43 2.04 5.99 -2.77
N TYR B 44 2.33 6.43 -1.56
CA TYR B 44 1.54 6.16 -0.37
C TYR B 44 0.07 6.42 -0.64
N MET B 45 -0.23 7.61 -1.15
CA MET B 45 -1.64 7.98 -1.43
C MET B 45 -2.20 7.08 -2.49
N PHE B 46 -1.41 6.80 -3.52
CA PHE B 46 -1.85 5.94 -4.56
C PHE B 46 -2.38 4.62 -3.97
N LEU B 47 -1.57 4.00 -3.10
CA LEU B 47 -1.96 2.74 -2.43
C LEU B 47 -3.24 2.94 -1.66
N LEU B 48 -3.27 4.01 -0.86
CA LEU B 48 -4.45 4.31 -0.05
C LEU B 48 -5.66 4.29 -0.94
N ILE B 49 -5.56 5.00 -2.06
CA ILE B 49 -6.65 5.05 -2.99
C ILE B 49 -6.99 3.68 -3.53
N MET B 50 -5.96 2.95 -3.98
CA MET B 50 -6.15 1.63 -4.55
C MET B 50 -6.59 0.58 -3.55
N LEU B 51 -6.58 0.89 -2.26
CA LEU B 51 -6.99 -0.07 -1.27
C LEU B 51 -8.28 0.36 -0.62
N GLY B 52 -8.27 1.55 -0.04
CA GLY B 52 -9.46 2.08 0.62
C GLY B 52 -10.70 2.13 -0.27
N PHE B 53 -10.49 1.98 -1.58
CA PHE B 53 -11.63 1.97 -2.51
C PHE B 53 -12.28 0.58 -2.50
N PRO B 54 -11.58 -0.47 -2.97
CA PRO B 54 -12.26 -1.77 -2.92
C PRO B 54 -12.85 -2.09 -1.54
N ILE B 55 -12.04 -1.97 -0.49
CA ILE B 55 -12.50 -2.29 0.85
C ILE B 55 -13.81 -1.62 1.20
N ASN B 56 -13.84 -0.29 1.18
CA ASN B 56 -15.04 0.42 1.55
C ASN B 56 -16.18 0.19 0.58
N PHE B 57 -15.86 -0.09 -0.68
CA PHE B 57 -16.95 -0.31 -1.62
C PHE B 57 -17.57 -1.65 -1.38
N LEU B 58 -16.72 -2.66 -1.28
CA LEU B 58 -17.16 -4.02 -1.03
C LEU B 58 -18.05 -4.00 0.18
N THR B 59 -17.55 -3.41 1.26
CA THR B 59 -18.32 -3.28 2.50
C THR B 59 -19.72 -2.78 2.15
N LEU B 60 -19.77 -1.57 1.59
CA LEU B 60 -21.01 -0.96 1.18
C LEU B 60 -21.89 -2.01 0.54
N TYR B 61 -21.42 -2.52 -0.59
CA TYR B 61 -22.08 -3.53 -1.39
C TYR B 61 -22.51 -4.76 -0.63
N VAL B 62 -21.58 -5.43 0.04
CA VAL B 62 -21.97 -6.61 0.78
C VAL B 62 -23.08 -6.26 1.76
N THR B 63 -22.97 -5.12 2.44
CA THR B 63 -23.99 -4.72 3.43
C THR B 63 -25.37 -4.64 2.87
N VAL B 64 -25.50 -3.91 1.77
CA VAL B 64 -26.80 -3.71 1.16
C VAL B 64 -27.27 -4.96 0.44
N GLN B 65 -26.32 -5.64 -0.19
CA GLN B 65 -26.61 -6.85 -0.97
C GLN B 65 -27.06 -8.00 -0.06
N HIS B 66 -26.60 -8.01 1.19
CA HIS B 66 -26.97 -9.05 2.13
C HIS B 66 -28.07 -8.63 3.05
N LYS B 67 -29.15 -9.38 2.93
CA LYS B 67 -30.42 -9.27 3.65
C LYS B 67 -30.28 -9.01 5.15
N LYS B 68 -29.58 -9.91 5.82
CA LYS B 68 -29.36 -9.91 7.29
C LYS B 68 -28.57 -8.72 7.86
N LEU B 69 -27.60 -8.18 7.11
CA LEU B 69 -26.73 -7.08 7.56
C LEU B 69 -27.46 -5.74 7.75
N ARG B 70 -28.07 -5.57 8.92
CA ARG B 70 -28.84 -4.36 9.23
C ARG B 70 -28.89 -3.99 10.72
N THR B 71 -28.07 -4.59 11.59
CA THR B 71 -28.09 -4.21 13.05
C THR B 71 -27.58 -2.75 13.19
N PRO B 72 -27.57 -2.17 14.43
CA PRO B 72 -27.05 -0.80 14.41
C PRO B 72 -25.59 -0.78 14.01
N LEU B 73 -24.81 -1.74 14.52
CA LEU B 73 -23.40 -1.84 14.19
C LEU B 73 -23.20 -1.83 12.68
N ASN B 74 -24.00 -2.64 11.97
CA ASN B 74 -23.96 -2.78 10.50
C ASN B 74 -24.28 -1.48 9.79
N TYR B 75 -25.15 -0.67 10.39
CA TYR B 75 -25.58 0.60 9.81
C TYR B 75 -24.46 1.62 9.81
N ILE B 76 -23.70 1.63 10.89
CA ILE B 76 -22.58 2.54 11.08
C ILE B 76 -21.51 2.31 10.04
N LEU B 77 -21.11 1.05 9.90
CA LEU B 77 -20.07 0.72 8.97
C LEU B 77 -20.46 0.94 7.51
N LEU B 78 -21.74 0.93 7.15
CA LEU B 78 -22.06 1.23 5.74
C LEU B 78 -21.75 2.70 5.59
N ASN B 79 -21.98 3.42 6.69
CA ASN B 79 -21.73 4.85 6.78
C ASN B 79 -20.24 5.07 6.55
N LEU B 80 -19.40 4.56 7.46
CA LEU B 80 -17.97 4.69 7.30
C LEU B 80 -17.59 4.30 5.92
N ALA B 81 -18.07 3.15 5.45
CA ALA B 81 -17.77 2.68 4.10
C ALA B 81 -17.99 3.80 3.11
N VAL B 82 -19.11 4.53 3.27
CA VAL B 82 -19.47 5.66 2.39
C VAL B 82 -18.59 6.89 2.65
N ALA B 83 -18.49 7.32 3.90
CA ALA B 83 -17.66 8.47 4.28
C ALA B 83 -16.26 8.29 3.75
N ASP B 84 -15.76 7.07 3.83
CA ASP B 84 -14.43 6.77 3.35
C ASP B 84 -14.39 6.99 1.86
N LEU B 85 -15.31 6.39 1.13
CA LEU B 85 -15.37 6.54 -0.33
C LEU B 85 -15.21 8.00 -0.70
N PHE B 86 -15.85 8.88 0.06
CA PHE B 86 -15.76 10.31 -0.19
C PHE B 86 -14.35 10.77 0.04
N MET B 87 -13.75 10.39 1.17
CA MET B 87 -12.39 10.78 1.45
C MET B 87 -11.52 10.43 0.28
N VAL B 88 -11.62 9.19 -0.16
CA VAL B 88 -10.83 8.68 -1.28
C VAL B 88 -10.97 9.53 -2.53
N PHE B 89 -12.18 9.72 -3.04
CA PHE B 89 -12.39 10.53 -4.26
C PHE B 89 -12.40 11.97 -3.98
N GLY B 90 -13.31 12.37 -3.11
CA GLY B 90 -13.40 13.77 -2.76
C GLY B 90 -12.07 14.37 -2.41
N GLY B 91 -11.31 13.71 -1.55
CA GLY B 91 -10.04 14.28 -1.15
C GLY B 91 -8.77 13.62 -1.64
N PHE B 92 -8.60 12.34 -1.38
CA PHE B 92 -7.38 11.66 -1.76
C PHE B 92 -7.02 11.94 -3.20
N THR B 93 -8.02 12.18 -4.02
CA THR B 93 -7.78 12.50 -5.40
C THR B 93 -6.84 13.71 -5.53
N THR B 94 -7.27 14.82 -4.95
CA THR B 94 -6.51 16.07 -4.97
C THR B 94 -5.19 15.85 -4.32
N THR B 95 -5.24 15.33 -3.10
CA THR B 95 -4.05 15.10 -2.32
C THR B 95 -3.04 14.22 -3.04
N LEU B 96 -3.43 13.50 -4.09
CA LEU B 96 -2.43 12.68 -4.82
C LEU B 96 -1.76 13.52 -5.90
N TYR B 97 -2.54 14.32 -6.62
CA TYR B 97 -1.92 15.13 -7.64
C TYR B 97 -1.13 16.27 -7.08
N THR B 98 -1.45 16.68 -5.87
CA THR B 98 -0.75 17.76 -5.19
C THR B 98 0.68 17.31 -4.89
N SER B 99 0.82 16.07 -4.42
CA SER B 99 2.12 15.50 -4.05
C SER B 99 2.94 15.17 -5.31
N LEU B 100 2.25 14.86 -6.39
CA LEU B 100 2.92 14.54 -7.64
C LEU B 100 3.55 15.77 -8.21
N HIS B 101 2.92 16.91 -7.96
CA HIS B 101 3.38 18.20 -8.46
C HIS B 101 4.15 18.96 -7.44
N GLY B 102 4.04 18.56 -6.18
CA GLY B 102 4.79 19.22 -5.13
C GLY B 102 4.16 20.45 -4.51
N TYR B 103 2.94 20.80 -4.96
CA TYR B 103 2.20 21.97 -4.44
C TYR B 103 0.77 21.88 -4.91
N PHE B 104 -0.11 22.67 -4.32
CA PHE B 104 -1.51 22.63 -4.72
C PHE B 104 -1.70 23.20 -6.08
N VAL B 105 -1.46 22.34 -7.06
CA VAL B 105 -1.58 22.66 -8.47
C VAL B 105 -3.04 23.03 -8.80
N PHE B 106 -3.98 22.67 -7.92
CA PHE B 106 -5.43 22.97 -8.10
C PHE B 106 -5.81 24.15 -7.24
N GLY B 107 -4.82 24.88 -6.74
CA GLY B 107 -5.11 26.02 -5.90
C GLY B 107 -5.91 25.66 -4.65
N PRO B 108 -6.54 26.65 -4.01
CA PRO B 108 -7.35 26.48 -2.81
C PRO B 108 -8.49 25.53 -2.95
N THR B 109 -9.07 25.49 -4.14
CA THR B 109 -10.17 24.60 -4.34
C THR B 109 -9.71 23.19 -4.05
N GLY B 110 -8.52 22.85 -4.53
CA GLY B 110 -7.98 21.52 -4.29
C GLY B 110 -7.68 21.35 -2.82
N CYS B 111 -7.41 22.48 -2.17
CA CYS B 111 -7.08 22.55 -0.75
C CYS B 111 -8.31 22.32 0.10
N ASN B 112 -9.46 22.82 -0.37
CA ASN B 112 -10.70 22.64 0.37
C ASN B 112 -11.20 21.24 0.15
N LEU B 113 -10.95 20.74 -1.06
CA LEU B 113 -11.34 19.38 -1.39
C LEU B 113 -10.52 18.45 -0.52
N GLU B 114 -9.20 18.57 -0.63
CA GLU B 114 -8.25 17.77 0.13
C GLU B 114 -8.58 17.83 1.63
N GLY B 115 -8.85 19.02 2.16
CA GLY B 115 -9.13 19.13 3.58
C GLY B 115 -10.55 18.89 4.09
N PHE B 116 -11.54 19.25 3.29
CA PHE B 116 -12.92 19.09 3.70
C PHE B 116 -13.29 17.65 3.90
N PHE B 117 -13.06 16.85 2.87
CA PHE B 117 -13.39 15.43 2.86
C PHE B 117 -12.63 14.62 3.87
N ALA B 118 -11.51 15.14 4.36
CA ALA B 118 -10.74 14.43 5.35
C ALA B 118 -11.33 14.78 6.69
N THR B 119 -11.71 16.05 6.86
CA THR B 119 -12.32 16.50 8.10
C THR B 119 -13.71 15.88 8.19
N LEU B 120 -14.43 15.96 7.08
CA LEU B 120 -15.76 15.39 7.01
C LEU B 120 -15.64 13.89 7.31
N GLY B 121 -14.59 13.26 6.79
CA GLY B 121 -14.40 11.83 7.00
C GLY B 121 -14.04 11.42 8.41
N GLY B 122 -13.16 12.18 9.05
CA GLY B 122 -12.74 11.88 10.41
C GLY B 122 -13.78 12.21 11.49
N GLU B 123 -14.56 13.27 11.26
CA GLU B 123 -15.60 13.68 12.20
C GLU B 123 -16.79 12.73 12.10
N ILE B 124 -17.07 12.20 10.91
CA ILE B 124 -18.16 11.24 10.78
C ILE B 124 -17.81 10.01 11.60
N ALA B 125 -16.51 9.68 11.61
CA ALA B 125 -15.99 8.53 12.34
C ALA B 125 -16.07 8.75 13.83
N LEU B 126 -15.82 9.98 14.27
CA LEU B 126 -15.88 10.29 15.70
C LEU B 126 -17.32 10.32 16.16
N TRP B 127 -18.18 10.95 15.35
CA TRP B 127 -19.60 11.07 15.70
C TRP B 127 -20.29 9.74 15.62
N SER B 128 -19.76 8.84 14.81
CA SER B 128 -20.33 7.50 14.73
C SER B 128 -19.90 6.77 15.98
N LEU B 129 -18.66 6.99 16.41
CA LEU B 129 -18.12 6.35 17.59
C LEU B 129 -18.96 6.69 18.80
N VAL B 130 -19.62 7.85 18.74
CA VAL B 130 -20.49 8.27 19.84
C VAL B 130 -21.83 7.52 19.72
N VAL B 131 -22.35 7.39 18.49
CA VAL B 131 -23.60 6.65 18.24
C VAL B 131 -23.43 5.21 18.69
N LEU B 132 -22.27 4.61 18.43
CA LEU B 132 -21.98 3.21 18.87
C LEU B 132 -21.79 3.20 20.37
N ALA B 133 -21.11 4.21 20.89
CA ALA B 133 -20.90 4.30 22.35
C ALA B 133 -22.25 4.16 23.03
N ILE B 134 -23.30 4.63 22.36
CA ILE B 134 -24.69 4.60 22.88
C ILE B 134 -25.44 3.29 22.58
N GLU B 135 -25.61 2.93 21.31
CA GLU B 135 -26.30 1.69 20.95
C GLU B 135 -25.68 0.56 21.72
N ARG B 136 -24.49 0.81 22.27
CA ARG B 136 -23.79 -0.20 23.03
C ARG B 136 -24.14 -0.09 24.51
N TYR B 137 -24.50 1.13 24.95
CA TYR B 137 -24.89 1.40 26.35
C TYR B 137 -26.30 0.92 26.51
N VAL B 138 -27.02 0.89 25.40
CA VAL B 138 -28.40 0.46 25.36
C VAL B 138 -28.48 -1.05 25.51
N VAL B 139 -27.98 -1.77 24.50
CA VAL B 139 -28.01 -3.24 24.50
C VAL B 139 -27.09 -3.87 25.55
N VAL B 140 -26.76 -3.13 26.62
CA VAL B 140 -25.90 -3.67 27.70
C VAL B 140 -26.31 -3.10 29.07
N CYS B 141 -27.29 -2.18 29.06
CA CYS B 141 -27.82 -1.53 30.29
C CYS B 141 -29.31 -1.22 30.11
N GLY B 150 -33.19 -0.36 17.44
CA GLY B 150 -33.70 -0.88 16.18
C GLY B 150 -33.23 -0.03 15.01
N GLU B 151 -33.63 -0.39 13.80
CA GLU B 151 -33.24 0.35 12.58
C GLU B 151 -33.82 1.76 12.59
N ASN B 152 -35.12 1.84 12.85
CA ASN B 152 -35.85 3.09 12.93
C ASN B 152 -34.91 4.16 13.52
N HIS B 153 -34.29 3.81 14.64
CA HIS B 153 -33.40 4.69 15.38
C HIS B 153 -31.95 4.61 14.89
N ALA B 154 -31.64 3.62 14.05
CA ALA B 154 -30.28 3.49 13.53
C ALA B 154 -30.07 4.51 12.45
N ILE B 155 -31.10 4.80 11.64
CA ILE B 155 -31.00 5.80 10.55
C ILE B 155 -31.00 7.21 11.14
N MET B 156 -31.28 7.30 12.43
CA MET B 156 -31.26 8.59 13.12
C MET B 156 -29.81 8.93 13.31
N GLY B 157 -29.11 8.08 14.07
CA GLY B 157 -27.70 8.26 14.36
C GLY B 157 -26.74 8.38 13.19
N VAL B 158 -27.13 7.89 12.01
CA VAL B 158 -26.28 7.99 10.82
C VAL B 158 -26.49 9.35 10.21
N ALA B 159 -27.74 9.81 10.27
CA ALA B 159 -28.09 11.10 9.74
C ALA B 159 -27.58 12.18 10.68
N PHE B 160 -27.28 11.79 11.91
CA PHE B 160 -26.78 12.68 12.96
C PHE B 160 -25.28 12.89 12.84
N THR B 161 -24.55 11.82 12.52
CA THR B 161 -23.11 11.88 12.36
C THR B 161 -22.78 12.79 11.21
N TRP B 162 -23.61 12.80 10.17
CA TRP B 162 -23.39 13.66 9.00
C TRP B 162 -23.65 15.13 9.31
N VAL B 163 -24.51 15.42 10.27
CA VAL B 163 -24.80 16.81 10.62
C VAL B 163 -23.66 17.37 11.39
N MET B 164 -23.20 16.59 12.36
CA MET B 164 -22.09 16.99 13.19
C MET B 164 -20.83 17.11 12.36
N ALA B 165 -20.57 16.12 11.52
CA ALA B 165 -19.38 16.12 10.68
C ALA B 165 -19.35 17.34 9.80
N LEU B 166 -20.52 17.80 9.35
CA LEU B 166 -20.60 18.99 8.51
C LEU B 166 -20.44 20.26 9.37
N ALA B 167 -20.92 20.21 10.61
CA ALA B 167 -20.81 21.36 11.50
C ALA B 167 -19.34 21.67 11.72
N CYS B 168 -18.47 20.69 11.47
CA CYS B 168 -17.05 20.91 11.61
C CYS B 168 -16.43 21.13 10.26
N ALA B 169 -16.61 20.16 9.38
CA ALA B 169 -16.01 20.23 8.06
C ALA B 169 -16.56 21.32 7.17
N ALA B 170 -17.75 21.83 7.46
CA ALA B 170 -18.37 22.82 6.57
C ALA B 170 -18.04 24.31 6.80
N PRO B 171 -18.02 24.80 8.05
CA PRO B 171 -17.72 26.21 8.31
C PRO B 171 -16.51 26.77 7.57
N PRO B 172 -15.35 26.08 7.61
CA PRO B 172 -14.12 26.53 6.95
C PRO B 172 -14.28 26.75 5.46
N LEU B 173 -15.48 26.51 4.94
CA LEU B 173 -15.76 26.68 3.51
C LEU B 173 -16.65 27.89 3.25
N VAL B 174 -17.28 28.41 4.31
CA VAL B 174 -18.20 29.55 4.19
C VAL B 174 -17.72 30.79 4.95
N GLY B 175 -16.57 30.71 5.63
CA GLY B 175 -16.09 31.87 6.32
C GLY B 175 -15.73 31.70 7.78
N TRP B 176 -15.77 30.50 8.30
CA TRP B 176 -15.38 30.35 9.69
C TRP B 176 -14.23 29.38 9.74
N SER B 177 -13.03 29.96 9.80
CA SER B 177 -11.75 29.25 9.76
C SER B 177 -11.50 29.02 8.28
N ARG B 178 -10.44 28.32 7.92
CA ARG B 178 -10.17 28.08 6.51
C ARG B 178 -9.30 26.88 6.36
N TYR B 179 -9.31 26.27 5.17
CA TYR B 179 -8.45 25.11 4.95
C TYR B 179 -7.16 25.67 4.41
N ILE B 180 -6.04 25.18 4.96
CA ILE B 180 -4.73 25.69 4.60
C ILE B 180 -3.75 24.53 4.52
N PRO B 181 -2.82 24.58 3.55
CA PRO B 181 -1.88 23.46 3.46
C PRO B 181 -1.05 23.30 4.70
N GLU B 182 -0.68 22.04 4.97
CA GLU B 182 0.11 21.73 6.14
C GLU B 182 1.30 20.91 5.78
N GLY B 183 2.33 20.98 6.64
CA GLY B 183 3.53 20.21 6.45
C GLY B 183 4.30 20.53 5.18
N MET B 184 4.37 19.57 4.26
CA MET B 184 5.09 19.77 3.02
C MET B 184 4.20 20.49 2.02
N GLN B 185 3.04 20.93 2.52
CA GLN B 185 2.05 21.70 1.77
C GLN B 185 1.30 20.86 0.78
N CYS B 186 1.12 19.58 1.08
CA CYS B 186 0.40 18.65 0.20
C CYS B 186 -0.95 18.27 0.72
N SER B 187 -1.16 18.50 2.01
CA SER B 187 -2.43 18.21 2.65
C SER B 187 -2.93 19.52 3.20
N CYS B 188 -4.25 19.70 3.27
CA CYS B 188 -4.84 20.92 3.81
C CYS B 188 -5.58 20.58 5.08
N GLY B 189 -5.60 21.50 6.02
CA GLY B 189 -6.29 21.28 7.30
C GLY B 189 -6.84 22.58 7.88
N ILE B 190 -7.31 22.56 9.14
CA ILE B 190 -7.85 23.79 9.75
C ILE B 190 -6.70 24.74 10.03
N ASP B 191 -6.96 26.04 9.90
CA ASP B 191 -5.93 27.06 10.13
C ASP B 191 -5.58 27.18 11.61
N TYR B 192 -4.45 26.59 12.00
CA TYR B 192 -3.97 26.63 13.39
C TYR B 192 -2.91 27.69 13.47
N TYR B 193 -2.21 27.78 12.35
CA TYR B 193 -1.06 28.64 12.11
C TYR B 193 -1.24 30.12 12.34
N THR B 194 -2.26 30.72 11.74
CA THR B 194 -2.45 32.16 11.87
C THR B 194 -3.72 32.51 12.63
N PRO B 195 -3.80 33.74 13.15
CA PRO B 195 -5.00 34.14 13.89
C PRO B 195 -5.98 34.76 12.90
N HIS B 196 -5.46 35.10 11.70
CA HIS B 196 -6.21 35.74 10.59
C HIS B 196 -7.52 36.21 11.14
N GLU B 197 -7.52 37.37 11.80
CA GLU B 197 -8.78 37.93 12.37
C GLU B 197 -9.78 38.04 11.21
N GLU B 198 -9.24 38.27 10.01
CA GLU B 198 -10.00 38.39 8.76
C GLU B 198 -11.07 37.28 8.67
N THR B 199 -10.86 36.11 9.30
CA THR B 199 -11.82 34.96 9.22
C THR B 199 -12.18 34.26 10.56
N ASN B 200 -11.45 34.55 11.63
CA ASN B 200 -11.75 33.96 12.97
C ASN B 200 -11.35 32.55 13.10
N ASN B 201 -10.05 32.27 13.05
CA ASN B 201 -9.60 30.89 13.17
C ASN B 201 -9.46 30.56 14.65
N GLU B 202 -9.08 31.56 15.46
CA GLU B 202 -8.87 31.36 16.89
C GLU B 202 -10.12 30.80 17.52
N SER B 203 -11.27 31.27 17.04
CA SER B 203 -12.52 30.82 17.58
C SER B 203 -12.89 29.43 17.05
N PHE B 204 -12.87 29.22 15.74
CA PHE B 204 -13.25 27.93 15.20
C PHE B 204 -12.41 26.82 15.77
N VAL B 205 -11.13 27.08 16.01
CA VAL B 205 -10.21 26.05 16.54
C VAL B 205 -10.61 25.61 17.93
N ILE B 206 -11.20 26.53 18.70
CA ILE B 206 -11.63 26.17 20.02
C ILE B 206 -12.96 25.45 19.88
N TYR B 207 -13.79 25.97 18.98
CA TYR B 207 -15.11 25.38 18.68
C TYR B 207 -14.91 23.93 18.33
N MET B 208 -14.02 23.70 17.40
CA MET B 208 -13.73 22.38 16.93
C MET B 208 -13.05 21.53 18.02
N PHE B 209 -12.03 22.05 18.68
CA PHE B 209 -11.35 21.25 19.69
C PHE B 209 -12.23 20.88 20.86
N VAL B 210 -13.36 21.58 21.03
CA VAL B 210 -14.30 21.29 22.16
C VAL B 210 -15.55 20.54 21.71
N VAL B 211 -16.22 21.06 20.68
CA VAL B 211 -17.44 20.45 20.15
C VAL B 211 -17.17 19.20 19.32
N HIS B 212 -16.08 19.19 18.55
CA HIS B 212 -15.80 18.05 17.70
C HIS B 212 -14.60 17.22 18.11
N PHE B 213 -14.25 17.21 19.40
CA PHE B 213 -13.11 16.41 19.86
C PHE B 213 -13.28 16.05 21.32
N ILE B 214 -13.22 17.06 22.16
CA ILE B 214 -13.31 16.86 23.60
C ILE B 214 -14.60 16.18 24.01
N ILE B 215 -15.73 16.80 23.70
CA ILE B 215 -17.04 16.26 24.08
C ILE B 215 -17.25 14.84 23.54
N PRO B 216 -17.26 14.66 22.20
CA PRO B 216 -17.47 13.30 21.68
C PRO B 216 -16.57 12.28 22.36
N LEU B 217 -15.41 12.73 22.82
CA LEU B 217 -14.45 11.85 23.48
C LEU B 217 -14.84 11.56 24.91
N ILE B 218 -15.52 12.48 25.59
CA ILE B 218 -15.93 12.17 26.96
C ILE B 218 -17.15 11.28 26.90
N VAL B 219 -18.10 11.63 26.04
CA VAL B 219 -19.34 10.85 25.85
C VAL B 219 -18.98 9.40 25.61
N ILE B 220 -18.09 9.18 24.65
CA ILE B 220 -17.63 7.86 24.26
C ILE B 220 -16.77 7.26 25.34
N PHE B 221 -16.18 8.12 26.17
CA PHE B 221 -15.31 7.64 27.24
C PHE B 221 -16.07 7.31 28.47
N PHE B 222 -17.09 8.12 28.74
CA PHE B 222 -17.91 7.93 29.91
C PHE B 222 -18.87 6.78 29.70
N CYS B 223 -19.40 6.66 28.48
CA CYS B 223 -20.29 5.56 28.21
C CYS B 223 -19.49 4.31 28.42
N TYR B 224 -18.20 4.41 28.20
CA TYR B 224 -17.35 3.30 28.40
C TYR B 224 -16.97 3.29 29.85
N GLY B 225 -17.42 4.31 30.58
CA GLY B 225 -17.14 4.41 32.01
C GLY B 225 -18.18 3.65 32.80
N GLN B 226 -19.23 3.25 32.07
CA GLN B 226 -20.35 2.47 32.61
C GLN B 226 -20.11 1.01 32.26
N LEU B 227 -20.45 0.63 31.02
CA LEU B 227 -20.25 -0.76 30.57
C LEU B 227 -18.83 -1.21 30.88
N GLN B 245 -26.62 -12.46 24.23
CA GLN B 245 -26.01 -12.32 25.55
C GLN B 245 -24.54 -12.58 25.41
N LYS B 246 -24.14 -12.81 24.15
CA LYS B 246 -22.76 -13.15 23.84
C LYS B 246 -22.30 -12.43 22.57
N ALA B 247 -23.20 -12.23 21.61
CA ALA B 247 -22.87 -11.55 20.33
C ALA B 247 -22.88 -10.04 20.51
N GLU B 248 -23.67 -9.54 21.47
CA GLU B 248 -23.70 -8.10 21.73
C GLU B 248 -22.52 -7.81 22.62
N LYS B 249 -21.90 -8.88 23.12
CA LYS B 249 -20.74 -8.76 23.99
C LYS B 249 -19.45 -8.89 23.19
N GLU B 250 -19.53 -9.26 21.91
CA GLU B 250 -18.33 -9.35 21.04
C GLU B 250 -18.39 -8.15 20.09
N VAL B 251 -19.60 -7.69 19.79
CA VAL B 251 -19.79 -6.52 18.94
C VAL B 251 -19.24 -5.38 19.73
N THR B 252 -19.33 -5.50 21.05
CA THR B 252 -18.82 -4.48 21.94
C THR B 252 -17.31 -4.46 21.84
N ARG B 253 -16.67 -5.63 21.81
CA ARG B 253 -15.21 -5.70 21.72
C ARG B 253 -14.72 -5.01 20.47
N MET B 254 -15.54 -5.02 19.43
CA MET B 254 -15.19 -4.38 18.17
C MET B 254 -15.34 -2.89 18.36
N VAL B 255 -16.55 -2.50 18.77
CA VAL B 255 -16.87 -1.09 19.01
C VAL B 255 -15.81 -0.47 19.90
N ILE B 256 -15.09 -1.30 20.66
CA ILE B 256 -14.05 -0.76 21.52
C ILE B 256 -12.73 -0.71 20.79
N ILE B 257 -12.50 -1.66 19.90
CA ILE B 257 -11.26 -1.64 19.19
C ILE B 257 -11.35 -0.57 18.16
N MET B 258 -12.56 -0.29 17.71
CA MET B 258 -12.77 0.76 16.73
C MET B 258 -12.32 2.09 17.31
N VAL B 259 -12.77 2.37 18.53
CA VAL B 259 -12.43 3.62 19.22
C VAL B 259 -10.92 3.72 19.42
N ILE B 260 -10.29 2.63 19.86
CA ILE B 260 -8.84 2.63 20.07
C ILE B 260 -8.15 3.12 18.81
N ALA B 261 -8.47 2.46 17.69
CA ALA B 261 -7.89 2.80 16.40
C ALA B 261 -8.02 4.28 16.10
N PHE B 262 -9.21 4.83 16.32
CA PHE B 262 -9.49 6.24 16.05
C PHE B 262 -8.45 7.14 16.70
N LEU B 263 -8.13 6.84 17.95
CA LEU B 263 -7.16 7.65 18.70
C LEU B 263 -5.78 7.50 18.15
N ILE B 264 -5.36 6.29 17.78
CA ILE B 264 -4.03 6.10 17.22
C ILE B 264 -3.93 6.87 15.92
N CYS B 265 -5.07 7.16 15.31
CA CYS B 265 -5.13 7.89 14.03
C CYS B 265 -5.15 9.38 14.22
N TRP B 266 -5.86 9.86 15.25
CA TRP B 266 -6.00 11.29 15.41
C TRP B 266 -5.35 11.88 16.60
N LEU B 267 -4.92 11.11 17.58
CA LEU B 267 -4.29 11.76 18.69
C LEU B 267 -2.97 12.36 18.23
N PRO B 268 -2.12 11.60 17.51
CA PRO B 268 -0.87 12.22 17.07
C PRO B 268 -1.13 13.46 16.24
N TYR B 269 -2.15 13.43 15.40
CA TYR B 269 -2.46 14.58 14.61
C TYR B 269 -2.98 15.67 15.51
N ALA B 270 -4.18 15.44 16.03
CA ALA B 270 -4.86 16.37 16.95
C ALA B 270 -3.85 16.99 17.89
N GLY B 271 -2.98 16.16 18.45
CA GLY B 271 -1.96 16.67 19.35
C GLY B 271 -1.06 17.69 18.66
N VAL B 272 -0.46 17.31 17.54
CA VAL B 272 0.43 18.20 16.82
C VAL B 272 -0.30 19.45 16.46
N ALA B 273 -1.55 19.31 16.05
CA ALA B 273 -2.37 20.45 15.65
C ALA B 273 -2.63 21.41 16.82
N PHE B 274 -2.96 20.86 17.97
CA PHE B 274 -3.24 21.69 19.11
C PHE B 274 -1.98 22.38 19.60
N TYR B 275 -0.86 21.71 19.48
CA TYR B 275 0.40 22.28 19.88
C TYR B 275 0.65 23.56 19.11
N ILE B 276 0.63 23.43 17.77
CA ILE B 276 0.84 24.55 16.84
C ILE B 276 -0.03 25.71 17.21
N PHE B 277 -1.32 25.46 17.41
CA PHE B 277 -2.30 26.50 17.74
C PHE B 277 -1.87 27.35 18.93
N THR B 278 -1.38 26.70 19.98
CA THR B 278 -0.92 27.40 21.18
C THR B 278 0.49 27.97 20.97
N HIS B 279 1.26 27.38 20.05
CA HIS B 279 2.62 27.86 19.75
C HIS B 279 2.75 28.36 18.30
N GLN B 280 1.80 29.18 17.84
CA GLN B 280 1.83 29.72 16.46
C GLN B 280 3.12 30.48 16.22
N GLY B 281 3.60 30.52 14.99
CA GLY B 281 4.82 31.27 14.68
C GLY B 281 6.14 30.79 15.28
N SER B 282 6.13 29.67 15.99
CA SER B 282 7.35 29.12 16.59
C SER B 282 8.17 28.45 15.51
N ASP B 283 9.14 27.64 15.91
CA ASP B 283 10.04 27.04 14.92
C ASP B 283 9.91 25.53 14.70
N PHE B 284 8.97 25.17 13.83
CA PHE B 284 8.74 23.79 13.45
C PHE B 284 8.88 23.71 11.94
N GLY B 285 9.29 22.54 11.45
CA GLY B 285 9.47 22.38 10.01
C GLY B 285 8.34 21.69 9.27
N PRO B 286 8.51 21.45 7.97
CA PRO B 286 7.44 20.79 7.23
C PRO B 286 7.13 19.36 7.67
N ILE B 287 8.16 18.59 8.01
CA ILE B 287 7.97 17.20 8.42
C ILE B 287 7.14 17.10 9.68
N PHE B 288 7.30 18.07 10.57
CA PHE B 288 6.58 18.11 11.87
C PHE B 288 5.10 17.63 11.74
N MET B 289 4.27 18.26 10.90
CA MET B 289 2.86 17.86 10.78
C MET B 289 2.59 16.87 9.66
N THR B 290 3.48 16.76 8.67
CA THR B 290 3.23 15.81 7.56
C THR B 290 3.01 14.38 8.03
N ILE B 291 3.74 13.93 9.04
CA ILE B 291 3.61 12.55 9.52
C ILE B 291 2.27 12.25 10.18
N PRO B 292 1.95 12.92 11.30
CA PRO B 292 0.67 12.65 11.96
C PRO B 292 -0.50 12.97 11.09
N ALA B 293 -0.24 13.69 10.01
CA ALA B 293 -1.31 14.07 9.07
C ALA B 293 -1.46 13.03 7.97
N PHE B 294 -0.37 12.62 7.33
CA PHE B 294 -0.50 11.62 6.28
C PHE B 294 -0.73 10.24 6.90
N PHE B 295 -0.35 10.06 8.16
CA PHE B 295 -0.58 8.77 8.82
C PHE B 295 -2.07 8.61 9.08
N ALA B 296 -2.74 9.70 9.46
CA ALA B 296 -4.17 9.65 9.77
C ALA B 296 -5.03 9.33 8.56
N LYS B 297 -4.56 9.53 7.33
CA LYS B 297 -5.41 9.26 6.18
C LYS B 297 -5.69 7.80 6.06
N THR B 298 -5.13 6.95 6.94
CA THR B 298 -5.46 5.51 6.85
C THR B 298 -6.86 5.32 7.47
N SER B 299 -7.39 6.41 8.03
CA SER B 299 -8.72 6.40 8.64
C SER B 299 -9.77 6.09 7.59
N ALA B 300 -9.37 6.16 6.33
CA ALA B 300 -10.27 5.92 5.24
C ALA B 300 -10.34 4.44 4.94
N VAL B 301 -9.58 3.61 5.65
CA VAL B 301 -9.61 2.21 5.33
C VAL B 301 -9.50 1.28 6.51
N TYR B 302 -8.96 1.75 7.61
CA TYR B 302 -8.79 0.85 8.74
C TYR B 302 -10.08 0.39 9.35
N ASN B 303 -11.17 1.10 9.15
CA ASN B 303 -12.39 0.65 9.80
C ASN B 303 -12.92 -0.65 9.26
N PRO B 304 -13.10 -0.75 7.94
CA PRO B 304 -13.60 -2.02 7.37
C PRO B 304 -12.75 -3.25 7.73
N VAL B 305 -11.44 -3.07 7.96
CA VAL B 305 -10.58 -4.20 8.31
C VAL B 305 -10.95 -4.75 9.66
N ILE B 306 -11.21 -3.84 10.61
CA ILE B 306 -11.61 -4.26 11.93
C ILE B 306 -12.82 -5.14 11.74
N TYR B 307 -13.81 -4.55 11.09
CA TYR B 307 -15.10 -5.15 10.78
C TYR B 307 -14.97 -6.56 10.25
N ILE B 308 -14.13 -6.79 9.24
CA ILE B 308 -13.97 -8.12 8.67
C ILE B 308 -13.29 -9.04 9.62
N MET B 309 -12.41 -8.52 10.45
CA MET B 309 -11.71 -9.36 11.36
C MET B 309 -12.42 -9.59 12.68
N MET B 310 -13.41 -8.77 13.01
CA MET B 310 -14.07 -8.93 14.31
C MET B 310 -15.55 -9.21 14.24
N ASN B 311 -16.12 -9.24 13.05
CA ASN B 311 -17.55 -9.55 12.96
C ASN B 311 -17.71 -10.74 12.05
N LYS B 312 -17.86 -11.93 12.65
CA LYS B 312 -18.03 -13.14 11.84
C LYS B 312 -19.24 -12.96 10.93
N GLN B 313 -20.23 -12.19 11.41
CA GLN B 313 -21.48 -11.88 10.68
C GLN B 313 -21.18 -11.37 9.28
N PHE B 314 -20.32 -10.36 9.21
CA PHE B 314 -19.91 -9.69 7.98
C PHE B 314 -18.89 -10.51 7.20
N ARG B 315 -17.81 -10.91 7.87
CA ARG B 315 -16.75 -11.71 7.25
C ARG B 315 -17.35 -12.86 6.48
N ASN B 316 -18.60 -13.23 6.84
CA ASN B 316 -19.31 -14.35 6.22
C ASN B 316 -20.11 -13.91 5.04
N CYS B 317 -21.08 -13.03 5.28
CA CYS B 317 -21.92 -12.53 4.21
C CYS B 317 -21.01 -12.00 3.08
N MET B 318 -19.81 -11.55 3.43
CA MET B 318 -18.82 -11.01 2.46
C MET B 318 -18.23 -12.13 1.63
N VAL B 319 -17.68 -13.13 2.30
CA VAL B 319 -17.08 -14.27 1.60
C VAL B 319 -18.15 -14.88 0.77
N THR B 320 -19.35 -14.84 1.33
CA THR B 320 -20.53 -15.36 0.65
C THR B 320 -20.74 -14.53 -0.61
N THR B 321 -20.58 -13.21 -0.51
CA THR B 321 -20.77 -12.32 -1.65
C THR B 321 -19.63 -12.43 -2.68
N LEU B 322 -18.43 -12.83 -2.24
CA LEU B 322 -17.30 -12.93 -3.17
C LEU B 322 -17.31 -14.22 -3.98
N CYS B 323 -17.72 -15.32 -3.39
CA CYS B 323 -17.75 -16.58 -4.12
C CYS B 323 -19.00 -16.65 -4.89
N CYS B 324 -19.83 -15.62 -4.70
CA CYS B 324 -21.12 -15.57 -5.36
C CYS B 324 -21.95 -16.66 -4.68
N GLY B 325 -21.27 -17.36 -3.76
CA GLY B 325 -21.86 -18.44 -2.99
C GLY B 325 -21.08 -19.76 -3.08
N LYS B 326 -20.00 -19.75 -3.87
CA LYS B 326 -19.15 -20.94 -4.14
C LYS B 326 -18.28 -21.43 -2.96
N ASN B 327 -18.62 -21.07 -1.72
CA ASN B 327 -17.80 -21.49 -0.55
C ASN B 327 -17.84 -23.02 -0.31
C1 NAG C . 5.78 -35.77 17.73
C2 NAG C . 5.60 -36.12 16.28
C3 NAG C . 4.17 -36.58 16.09
C4 NAG C . 3.84 -37.74 17.05
C5 NAG C . 4.26 -37.41 18.50
C6 NAG C . 4.21 -38.60 19.42
C7 NAG C . 6.34 -35.05 14.26
C8 NAG C . 7.73 -35.65 14.10
N2 NAG C . 5.86 -34.94 15.49
O3 NAG C . 3.98 -36.98 14.75
O4 NAG C . 2.41 -37.95 17.01
O5 NAG C . 5.62 -36.93 18.53
O6 NAG C . 5.42 -38.71 20.17
O7 NAG C . 5.72 -34.67 13.26
C1 NAG C . 1.93 -39.13 16.44
C2 NAG C . 1.08 -39.84 17.50
C3 NAG C . 0.28 -41.03 16.91
C4 NAG C . -0.33 -40.73 15.52
C5 NAG C . 0.61 -39.91 14.62
C6 NAG C . -0.15 -39.38 13.40
C7 NAG C . 1.61 -40.33 19.82
C8 NAG C . 1.11 -39.02 20.43
N2 NAG C . 1.97 -40.33 18.54
O1 NAG C . 2.92 -40.00 16.00
O3 NAG C . -0.77 -41.38 17.81
O4 NAG C . -0.62 -41.99 14.88
O5 NAG C . 1.13 -38.77 15.32
O6 NAG C . 0.40 -39.85 12.18
O7 NAG C . 1.71 -41.34 20.52
C1 MAN C . -1.81 -42.09 14.18
C2 MAN C . -2.72 -43.13 14.86
C3 MAN C . -3.97 -43.41 14.00
C4 MAN C . -3.98 -42.57 12.71
C5 MAN C . -2.63 -42.60 11.95
C6 MAN C . -2.48 -41.44 10.98
O1 MAN C . -2.50 -40.88 14.08
O2 MAN C . -3.11 -42.68 16.15
O3 MAN C . -5.13 -43.12 14.77
O4 MAN C . -5.00 -43.04 11.84
O5 MAN C . -1.50 -42.55 12.85
O6 MAN C . -1.87 -41.85 9.76
C1 NAG D . 20.66 -27.00 18.09
C2 NAG D . 21.90 -27.47 17.35
C3 NAG D . 23.12 -26.97 18.09
C4 NAG D . 23.05 -25.44 18.23
C5 NAG D . 21.69 -24.95 18.77
C6 NAG D . 21.54 -23.45 18.60
C7 NAG D . 21.56 -29.53 16.12
C8 NAG D . 22.56 -29.51 14.97
N2 NAG D . 21.92 -28.93 17.26
O3 NAG D . 24.29 -27.35 17.40
O4 NAG D . 24.09 -24.96 19.09
O5 NAG D . 20.60 -25.57 18.06
O6 NAG D . 22.19 -22.99 17.43
O7 NAG D . 20.46 -30.08 15.98
C1 NAG D . 25.14 -24.34 18.45
C2 NAG D . 25.67 -23.16 19.29
C3 NAG D . 27.07 -22.68 18.80
C4 NAG D . 28.01 -23.83 18.36
C5 NAG D . 27.25 -24.84 17.51
C6 NAG D . 28.08 -26.05 17.09
C7 NAG D . 24.27 -21.48 20.36
C8 NAG D . 24.69 -20.05 20.67
N2 NAG D . 24.70 -22.07 19.22
O1 NAG D . 24.78 -23.90 17.18
O3 NAG D . 27.69 -21.93 19.83
O4 NAG D . 29.10 -23.31 17.63
O5 NAG D . 26.14 -25.34 18.26
O6 NAG D . 27.30 -27.25 17.12
O7 NAG D . 23.52 -22.07 21.15
C1 NAG E . 10.59 35.10 -0.46
C2 NAG E . 9.20 35.37 -0.99
C3 NAG E . 9.25 35.61 -2.51
C4 NAG E . 10.36 36.61 -2.90
C5 NAG E . 11.66 36.31 -2.17
C6 NAG E . 12.67 37.42 -2.34
C7 NAG E . 7.23 34.40 -0.02
C8 NAG E . 7.33 35.06 1.35
N2 NAG E . 8.35 34.23 -0.70
O3 NAG E . 7.99 36.12 -2.94
O4 NAG E . 10.60 36.52 -4.31
O5 NAG E . 11.43 36.20 -0.77
O6 NAG E . 13.88 36.92 -2.91
O7 NAG E . 6.14 34.03 -0.43
C1 NAG E . 9.67 37.12 -5.14
C2 NAG E . 10.33 37.50 -6.46
C3 NAG E . 9.29 38.03 -7.43
C4 NAG E . 8.16 37.02 -7.59
C5 NAG E . 7.60 36.67 -6.21
C6 NAG E . 6.55 35.59 -6.20
C7 NAG E . 11.82 39.33 -5.31
C8 NAG E . 11.50 40.80 -5.46
N2 NAG E . 11.35 38.51 -6.25
O1 NAG E . 9.07 38.27 -4.59
O3 NAG E . 9.90 38.27 -8.69
O4 NAG E . 7.13 37.61 -8.40
O5 NAG E . 8.66 36.17 -5.36
O6 NAG E . 6.76 34.69 -5.12
O7 NAG E . 12.47 38.93 -4.33
C1 MAN E . 6.87 37.06 -9.66
C2 MAN E . 5.46 37.43 -10.11
C3 MAN E . 5.16 36.82 -11.48
C4 MAN E . 6.24 37.26 -12.48
C5 MAN E . 7.67 37.02 -11.92
C6 MAN E . 8.75 37.65 -12.80
O1 MAN E . 6.92 35.64 -9.53
O2 MAN E . 5.37 38.85 -10.20
O3 MAN E . 3.86 37.29 -11.92
O4 MAN E . 6.08 36.54 -13.69
O5 MAN E . 7.83 37.58 -10.59
O6 MAN E . 9.92 36.84 -12.84
C1 MAN E . 3.08 36.44 -12.72
C2 MAN E . 2.33 35.39 -11.87
C3 MAN E . 1.60 34.42 -12.83
C4 MAN E . 0.63 35.20 -13.73
C5 MAN E . 1.36 36.36 -14.43
C6 MAN E . 0.41 37.31 -15.14
O1 MAN E . 3.89 35.78 -13.63
O2 MAN E . 1.38 36.02 -11.03
O3 MAN E . 0.90 33.44 -12.08
O4 MAN E . 0.09 34.32 -14.70
O5 MAN E . 2.11 37.17 -13.48
O6 MAN E . 0.93 38.64 -15.20
C1 NAG F . 10.60 31.70 16.60
C2 NAG F . 9.91 32.76 17.47
C3 NAG F . 10.52 32.77 18.87
C4 NAG F . 10.71 31.36 19.48
C5 NAG F . 11.29 30.36 18.45
C6 NAG F . 11.28 28.92 18.92
C7 NAG F . 9.07 34.78 16.40
C8 NAG F . 8.44 34.41 15.07
N2 NAG F . 10.10 34.06 16.84
O3 NAG F . 9.68 33.53 19.73
O4 NAG F . 11.61 31.43 20.61
O5 NAG F . 10.54 30.42 17.22
O6 NAG F . 9.98 28.48 19.29
O7 NAG F . 8.63 35.74 17.03
C1 NAG F . 11.20 30.81 21.80
C2 NAG F . 12.44 30.51 22.68
C3 NAG F . 12.05 30.12 24.12
C4 NAG F . 10.97 31.06 24.71
C5 NAG F . 9.81 31.18 23.72
C6 NAG F . 8.71 32.12 24.20
C7 NAG F . 14.49 29.53 21.84
C8 NAG F . 15.43 28.80 22.79
N2 NAG F . 13.18 29.41 22.08
O1 NAG F . 10.52 29.62 21.58
O3 NAG F . 13.21 30.19 24.96
O4 NAG F . 10.50 30.54 25.95
O5 NAG F . 10.30 31.71 22.47
O6 NAG F . 7.96 32.63 23.11
O7 NAG F . 14.95 30.18 20.89
C1 BNG G . 11.73 12.14 -8.40
C2 BNG G . 12.39 12.57 -9.75
C3 BNG G . 11.58 13.73 -10.43
C4 BNG G . 10.05 13.28 -10.65
C5 BNG G . 9.41 12.90 -9.25
C6 BNG G . 7.92 12.44 -9.45
C1' BNG G . 12.04 10.51 -6.60
C2' BNG G . 12.35 9.04 -6.56
C3' BNG G . 11.84 8.42 -5.27
C4' BNG G . 11.16 7.07 -5.51
C5' BNG G . 9.65 7.18 -5.65
C6' BNG G . 8.97 6.17 -4.76
C7' BNG G . 7.94 5.32 -5.49
C8' BNG G . 8.21 3.85 -5.23
C9' BNG G . 7.31 3.25 -4.15
O1 BNG G . 12.50 11.05 -7.83
O2 BNG G . 13.76 12.94 -9.53
O3 BNG G . 12.21 14.08 -11.67
O4 BNG G . 9.27 14.33 -11.29
O5 BNG G . 10.26 11.78 -8.65
O6 BNG G . 7.01 13.38 -8.85
C1 BNG H . 18.42 11.16 -2.91
C2 BNG H . 19.90 11.44 -2.45
C3 BNG H . 20.22 12.99 -2.55
C4 BNG H . 19.99 13.48 -4.05
C5 BNG H . 18.48 13.17 -4.50
C6 BNG H . 18.23 13.61 -5.97
C1' BNG H . 16.84 9.28 -3.21
C2' BNG H . 16.44 8.15 -2.28
C3' BNG H . 15.06 7.59 -2.59
C4' BNG H . 15.12 6.10 -2.91
C5' BNG H . 14.08 5.30 -2.15
C6' BNG H . 13.92 3.92 -2.75
C7' BNG H . 12.79 3.13 -2.12
C8' BNG H . 12.16 2.21 -3.14
C9' BNG H . 10.72 1.91 -2.78
O1 BNG H . 18.16 9.73 -2.83
O2 BNG H . 20.11 10.95 -1.12
O3 BNG H . 21.55 13.26 -2.13
O4 BNG H . 20.28 14.89 -4.19
O5 BNG H . 18.22 11.69 -4.33
O6 BNG H . 19.22 13.12 -6.88
C1 BNG I . 21.03 -15.45 13.91
C2 BNG I . 21.87 -15.08 15.22
C3 BNG I . 21.72 -16.24 16.30
C4 BNG I . 20.17 -16.45 16.64
C5 BNG I . 19.35 -16.81 15.32
C6 BNG I . 17.84 -17.01 15.66
C1' BNG I . 20.49 -14.51 11.66
C2' BNG I . 21.08 -13.54 10.63
C3' BNG I . 20.40 -13.66 9.27
C4' BNG I . 19.70 -12.37 8.88
C5' BNG I . 19.92 -11.99 7.43
C6' BNG I . 19.08 -10.79 7.06
C7' BNG I . 19.55 -10.13 5.77
C8' BNG I . 19.27 -8.66 5.79
C9' BNG I . 20.32 -7.90 5.02
O1 BNG I . 21.18 -14.36 12.93
O2 BNG I . 23.24 -14.86 14.88
O3 BNG I . 22.48 -15.92 17.48
O4 BNG I . 19.99 -17.50 17.63
O5 BNG I . 19.56 -15.70 14.32
O6 BNG I . 16.99 -16.02 15.08
C1 BNG J . 7.05 4.19 -31.93
C2 BNG J . 7.26 4.40 -33.50
C3 BNG J . 5.88 4.28 -34.26
C4 BNG J . 5.25 2.86 -33.96
C5 BNG J . 5.05 2.68 -32.36
C6 BNG J . 4.46 1.29 -32.01
C1' BNG J . 8.37 4.17 -29.84
C2' BNG J . 9.84 4.15 -29.49
C3' BNG J . 10.08 4.04 -28.00
C4' BNG J . 11.30 4.88 -27.56
C5' BNG J . 11.24 6.35 -28.03
C6' BNG J . 10.63 7.26 -26.98
C7' BNG J . 11.68 7.88 -26.09
C8' BNG J . 11.38 7.57 -24.64
C9' BNG J . 12.01 6.26 -24.21
O1 BNG J . 8.33 4.30 -31.27
O2 BNG J . 7.86 5.67 -33.75
O3 BNG J . 6.05 4.46 -35.67
O4 BNG J . 3.97 2.72 -34.65
O5 BNG J . 6.39 2.85 -31.68
O6 BNG J . 4.40 1.10 -30.59
C1 BNG K . 7.22 -18.33 19.34
C2 BNG K . 6.91 -19.81 19.86
C3 BNG K . 5.48 -19.87 20.53
C4 BNG K . 5.43 -18.82 21.72
C5 BNG K . 5.75 -17.34 21.17
C6 BNG K . 5.73 -16.30 22.33
C1' BNG K . 9.10 -17.12 18.21
C2' BNG K . 10.38 -17.52 17.55
C3' BNG K . 11.08 -16.36 16.93
C4' BNG K . 12.50 -16.71 16.61
C5' BNG K . 13.10 -15.80 15.57
C6' BNG K . 13.03 -14.33 16.00
C7' BNG K . 13.53 -13.39 14.89
C8' BNG K . 12.59 -12.22 14.70
C9' BNG K . 12.63 -11.75 13.26
O1 BNG K . 8.56 -18.33 18.74
O2 BNG K . 7.01 -20.74 18.78
O3 BNG K . 5.20 -21.19 21.00
O4 BNG K . 4.13 -18.87 22.37
O5 BNG K . 7.10 -17.36 20.50
O6 BNG K . 6.84 -16.48 23.23
HG HG L . 9.25 -4.44 -1.23
HG HG M . 22.63 0.02 -15.74
HG HG N . -0.05 8.76 -22.20
ZN ZN O . 23.68 -28.32 4.24
ZN ZN P . 1.17 14.83 -14.13
ZN ZN Q . 15.88 -17.63 -12.05
ZN ZN R . 12.26 -38.18 1.52
C1 HTO S . 4.56 -0.40 -0.10
O1 HTO S . 5.21 0.42 -1.15
C2 HTO S . 3.72 -1.52 -0.74
O2 HTO S . 4.65 -2.29 -1.52
C3 HTO S . 2.95 -2.50 0.33
O3 HTO S . 2.22 -3.50 -0.40
C4 HTO S . 1.90 -1.81 1.28
C5 HTO S . 1.13 -2.77 2.32
C6 HTO S . -0.38 -3.06 2.07
C7 HTO S . -0.99 -4.02 3.07
C1 HTO T . -10.46 -13.08 6.93
O1 HTO T . -9.98 -12.73 5.57
C2 HTO T . -9.41 -12.70 7.97
O2 HTO T . -9.21 -11.27 7.81
C3 HTO T . -9.85 -13.03 9.53
O3 HTO T . -8.77 -12.62 10.38
C4 HTO T . -10.11 -14.54 9.92
C5 HTO T . -10.54 -14.76 11.46
C6 HTO T . -10.30 -16.15 12.11
C7 HTO T . -10.95 -16.28 13.52
C1 HTO U . 10.53 11.16 -24.22
O1 HTO U . 10.30 10.88 -25.66
C2 HTO U . 9.21 11.00 -23.44
O2 HTO U . 8.78 9.64 -23.67
C3 HTO U . 9.35 11.28 -21.80
O3 HTO U . 8.05 11.10 -21.20
C4 HTO U . 9.83 12.74 -21.38
C5 HTO U . 9.97 13.03 -19.80
C6 HTO U . 10.18 14.51 -19.36
C7 HTO U . 9.93 14.74 -17.88
C1 HTO V . -6.17 7.29 -8.37
O1 HTO V . -5.37 6.20 -7.78
C2 HTO V . -5.38 7.95 -9.51
O2 HTO V . -5.13 6.89 -10.45
C3 HTO V . -6.17 9.19 -10.25
O3 HTO V . -5.32 9.71 -11.30
C4 HTO V . -6.51 10.44 -9.35
C5 HTO V . -7.28 11.62 -10.09
C6 HTO V . -6.52 12.96 -10.25
C7 HTO V . -7.46 14.14 -10.53
C1 PLM W . 2.33 -9.94 8.45
C2 PLM W . 3.86 -9.80 8.53
C3 PLM W . 4.11 -8.44 7.86
C4 PLM W . 5.56 -8.24 7.40
C5 PLM W . 6.64 -7.42 8.11
C6 PLM W . 6.81 -6.00 7.57
C7 PLM W . 7.90 -5.22 8.34
C8 PLM W . 7.61 -3.74 8.21
C9 PLM W . 8.47 -2.57 8.85
CA PLM W . 8.60 -1.08 9.36
CB PLM W . 8.85 -0.22 8.40
CC PLM W . 8.26 0.82 8.05
CD PLM W . 8.01 1.86 7.25
CE PLM W . 6.98 2.89 7.43
CF PLM W . 7.96 4.06 7.54
CG PLM W . 7.84 5.25 8.30
C1 RET X . 16.42 -15.56 -4.01
C2 RET X . 17.40 -14.88 -4.94
C3 RET X . 17.00 -13.41 -5.30
C4 RET X . 15.44 -13.04 -5.18
C5 RET X . 14.49 -14.27 -5.05
C6 RET X . 14.96 -15.49 -4.52
C7 RET X . 14.01 -16.66 -4.54
C8 RET X . 13.01 -16.73 -3.58
C9 RET X . 12.04 -17.80 -3.24
C10 RET X . 10.83 -17.41 -2.75
C11 RET X . 9.73 -18.33 -2.38
C12 RET X . 8.63 -18.09 -1.58
C13 RET X . 8.05 -16.97 -0.82
C14 RET X . 6.80 -17.22 -0.35
C15 RET X . 6.05 -16.33 0.61
C16 RET X . 16.79 -16.97 -3.63
C17 RET X . 16.54 -14.83 -2.65
C18 RET X . 13.10 -13.98 -5.63
C19 RET X . 12.47 -19.21 -3.48
C20 RET X . 8.80 -15.68 -0.61
C1 PLM Y . -11.07 10.95 -14.48
O2 PLM Y . -12.25 10.85 -14.83
C2 PLM Y . -10.75 11.24 -13.02
C3 PLM Y . -10.14 10.05 -12.26
C4 PLM Y . -11.09 9.50 -11.19
C5 PLM Y . -11.64 8.14 -11.57
C6 PLM Y . -10.64 7.05 -11.27
C7 PLM Y . -11.12 6.18 -10.13
C8 PLM Y . -9.98 5.81 -9.16
C9 PLM Y . -9.10 4.65 -9.66
CA PLM Y . -9.23 3.39 -8.83
CB PLM Y . -8.49 2.24 -9.51
CC PLM Y . -9.36 1.01 -9.67
CD PLM Y . -9.11 0.37 -11.03
CE PLM Y . -9.46 -1.10 -10.98
CF PLM Y . -8.68 -1.91 -12.00
CG PLM Y . -9.05 -3.39 -11.94
C1 PLM Z . -14.56 7.41 -17.50
O2 PLM Z . -14.28 8.60 -17.53
C2 PLM Z . -15.02 6.79 -16.16
C3 PLM Z . -15.67 7.79 -15.18
C4 PLM Z . -14.86 7.98 -13.89
C5 PLM Z . -15.68 8.68 -12.81
C6 PLM Z . -15.29 8.22 -11.42
C7 PLM Z . -16.35 8.58 -10.39
C8 PLM Z . -15.91 8.19 -8.97
C9 PLM Z . -17.09 7.74 -8.10
CA PLM Z . -17.46 8.79 -7.05
CB PLM Z . -17.81 8.15 -5.72
CC PLM Z . -17.99 9.19 -4.61
CD PLM Z . -18.30 8.53 -3.27
CE PLM Z . -19.72 8.03 -3.23
CF PLM Z . -20.06 7.32 -1.93
CG PLM Z . -21.50 6.82 -1.95
C1 BNG AA . 18.13 10.66 2.62
C2 BNG AA . 18.03 12.08 1.89
C3 BNG AA . 18.26 13.25 2.93
C4 BNG AA . 17.18 13.15 4.09
C5 BNG AA . 17.29 11.73 4.81
C6 BNG AA . 16.21 11.63 5.94
C1' BNG AA . 17.92 8.19 2.09
C2' BNG AA . 16.84 7.38 1.35
C3' BNG AA . 16.81 5.92 1.77
C4' BNG AA . 15.49 5.54 2.43
C5' BNG AA . 14.84 4.30 1.80
C6' BNG AA . 13.31 4.44 1.79
C7' BNG AA . 12.59 3.10 1.74
C8' BNG AA . 11.13 3.27 2.13
C9' BNG AA . 10.25 2.22 1.48
O1 BNG AA . 17.88 9.58 1.62
O2 BNG AA . 18.98 12.16 0.83
O3 BNG AA . 18.19 14.51 2.27
O4 BNG AA . 17.36 14.22 5.05
O5 BNG AA . 17.11 10.65 3.77
O6 BNG AA . 16.19 10.33 6.54
C1 BNG BA . 9.20 20.74 18.75
C2 BNG BA . 9.65 21.54 20.03
C3 BNG BA . 9.40 20.68 21.33
C4 BNG BA . 7.85 20.29 21.41
C5 BNG BA . 7.43 19.49 20.11
C6 BNG BA . 5.90 19.16 20.17
C1' BNG BA . 9.13 21.03 16.30
C2' BNG BA . 10.38 21.15 15.45
C3' BNG BA . 10.18 20.60 14.07
C4' BNG BA . 11.47 20.12 13.46
C5' BNG BA . 11.45 20.31 11.97
C6' BNG BA . 10.70 19.20 11.29
C7' BNG BA . 11.49 18.66 10.14
C8' BNG BA . 11.29 19.52 8.92
C9' BNG BA . 12.61 20.05 8.41
O1 BNG BA . 9.44 21.58 17.58
O2 BNG BA . 11.04 21.91 19.92
O3 BNG BA . 9.80 21.40 22.51
O4 BNG BA . 7.59 19.51 22.59
O5 BNG BA . 7.74 20.35 18.91
O6 BNG BA . 5.63 17.75 20.24
HG HG CA . -5.14 4.42 12.26
HG HG DA . -19.84 2.43 25.62
HG HG EA . -24.84 -13.97 4.93
ZN ZN FA . -6.42 37.32 4.18
ZN ZN GA . -3.64 32.13 18.71
ZN ZN HA . -18.04 17.88 13.61
C1 PLM IA . -6.41 -3.07 12.09
C2 PLM IA . -5.54 -1.94 11.51
C3 PLM IA . -6.19 -1.63 10.14
C4 PLM IA . -5.20 -1.63 8.95
C5 PLM IA . -5.00 -0.55 7.90
C6 PLM IA . -3.97 -0.89 6.83
C7 PLM IA . -3.77 0.22 5.80
C8 PLM IA . -2.74 -0.21 4.76
C9 PLM IA . -2.24 0.64 3.53
CA PLM IA . -1.08 1.27 2.70
CB PLM IA . -0.15 1.82 3.48
CC PLM IA . 1.09 1.74 3.52
CD PLM IA . 2.33 2.04 3.97
CE PLM IA . 3.62 1.47 3.50
CF PLM IA . 4.16 2.73 2.81
CG PLM IA . 5.21 2.85 1.84
C1 RET JA . -9.53 16.67 15.19
C2 RET JA . -10.39 16.22 16.35
C3 RET JA . -10.61 14.67 16.37
C4 RET JA . -10.61 13.92 14.94
C5 RET JA . -10.50 14.85 13.68
C6 RET JA . -10.07 16.18 13.83
C7 RET JA . -10.18 17.04 12.61
C8 RET JA . -9.15 16.99 11.71
C9 RET JA . -8.91 17.70 10.45
C10 RET JA . -8.27 17.02 9.48
C11 RET JA . -7.93 17.55 8.13
C12 RET JA . -7.01 17.05 7.24
C13 RET JA . -6.06 15.92 7.16
C14 RET JA . -5.82 15.45 5.90
C15 RET JA . -4.60 14.66 5.45
C16 RET JA . -9.24 18.16 15.20
C17 RET JA . -8.13 16.03 15.45
C18 RET JA . -11.00 14.16 12.40
C19 RET JA . -9.41 19.11 10.38
C20 RET JA . -5.42 15.38 8.41
C1 PLM KA . -15.07 -17.74 -3.89
O2 PLM KA . -15.52 -17.87 -5.04
C2 PLM KA . -13.53 -17.65 -3.73
C3 PLM KA . -12.84 -16.75 -4.78
C4 PLM KA . -13.11 -15.24 -4.59
C5 PLM KA . -12.25 -14.35 -5.51
C6 PLM KA . -10.79 -14.18 -5.05
C7 PLM KA . -10.68 -13.79 -3.57
C8 PLM KA . -9.74 -12.60 -3.31
C9 PLM KA . -10.35 -11.59 -2.33
CA PLM KA . -9.90 -10.15 -2.59
CB PLM KA . -10.83 -9.41 -3.55
CC PLM KA . -10.27 -9.31 -4.99
CD PLM KA . -10.57 -7.95 -5.63
CE PLM KA . -12.05 -7.62 -5.60
CF PLM KA . -12.33 -6.15 -5.80
CG PLM KA . -13.83 -5.85 -5.75
#